data_4QQF
#
_entry.id   4QQF
#
_cell.length_a   164.287
_cell.length_b   164.287
_cell.length_c   150.532
_cell.angle_alpha   90.00
_cell.angle_beta   90.00
_cell.angle_gamma   90.00
#
_symmetry.space_group_name_H-M   'P 41 21 2'
#
loop_
_entity.id
_entity.type
_entity.pdbx_description
1 polymer 'Mitochondrial import inner membrane translocase subunit TIM50'
2 non-polymer 'MAGNESIUM ION'
3 water water
#
_entity_poly.entity_id   1
_entity_poly.type   'polypeptide(L)'
_entity_poly.pdbx_seq_one_letter_code
;GSHMFNSMFTYFQEPPFPDLLPPPPPPPYQRPLTLVITLEDFLVHSEWSQKHGWRTAKRPGADYFLGYLSQYYEIVLFSS
NYMMYSDKIAEKLDPIHAFVSYNLFKEHCVYKDGVHIKDLSKLNRDLSKVIIIDTDPNSYKLQPENAIPMEPWNGEADDK
LVRLIPFLEYLATQQTKDVRPILNSFEDKKNLAEEFDHRVKK
;
_entity_poly.pdbx_strand_id   D,A,B,C,E,F
#
loop_
_chem_comp.id
_chem_comp.type
_chem_comp.name
_chem_comp.formula
MG non-polymer 'MAGNESIUM ION' 'Mg 2'
#
# COMPACT_ATOMS: atom_id res chain seq x y z
N PHE A 12 -12.11 16.39 4.33
CA PHE A 12 -11.69 17.26 3.23
C PHE A 12 -10.25 17.67 3.36
N GLN A 13 -9.42 17.23 2.42
CA GLN A 13 -8.02 17.64 2.33
C GLN A 13 -7.87 18.38 1.04
N GLU A 14 -7.35 19.60 1.09
CA GLU A 14 -7.38 20.42 -0.10
C GLU A 14 -6.32 21.52 -0.29
N PRO A 15 -6.57 22.36 -1.39
CA PRO A 15 -5.40 23.06 -1.93
C PRO A 15 -4.83 24.26 -1.20
N PRO A 16 -3.55 24.63 -1.60
CA PRO A 16 -3.10 25.91 -1.03
C PRO A 16 -2.83 27.00 -2.09
N PHE A 17 -2.92 28.24 -1.63
CA PHE A 17 -2.25 29.42 -2.22
C PHE A 17 -2.37 29.97 -3.68
N PRO A 18 -3.63 30.28 -4.24
CA PRO A 18 -4.78 29.60 -3.67
C PRO A 18 -5.28 28.73 -4.79
N ASP A 19 -4.42 27.82 -5.13
CA ASP A 19 -4.63 26.75 -6.10
C ASP A 19 -5.90 25.96 -5.76
N LEU A 20 -6.67 25.59 -6.78
CA LEU A 20 -7.97 24.92 -6.65
C LEU A 20 -7.93 23.41 -6.40
N LEU A 21 -6.84 22.75 -6.76
CA LEU A 21 -6.81 21.31 -6.59
C LEU A 21 -5.63 20.93 -5.71
N PRO A 22 -5.82 19.90 -4.89
CA PRO A 22 -4.67 19.29 -4.19
C PRO A 22 -3.70 18.66 -5.20
N PRO A 23 -2.47 18.38 -4.77
CA PRO A 23 -1.50 17.75 -5.68
C PRO A 23 -1.96 16.38 -6.15
N PRO A 24 -1.59 16.00 -7.37
CA PRO A 24 -1.89 14.66 -7.89
C PRO A 24 -1.20 13.63 -7.00
N PRO A 25 -1.72 12.41 -6.96
CA PRO A 25 -1.02 11.34 -6.25
C PRO A 25 0.28 11.06 -7.01
N PRO A 26 1.24 10.41 -6.37
CA PRO A 26 2.50 10.04 -7.03
C PRO A 26 2.33 8.86 -7.99
N PRO A 27 3.27 8.68 -8.96
CA PRO A 27 3.20 7.37 -9.62
C PRO A 27 3.47 6.26 -8.61
N PRO A 28 2.88 5.08 -8.80
CA PRO A 28 2.12 4.59 -9.97
C PRO A 28 0.64 5.00 -10.09
N TYR A 29 0.11 5.85 -9.22
CA TYR A 29 -1.32 6.14 -9.29
C TYR A 29 -1.68 7.33 -10.15
N GLN A 30 -0.67 8.11 -10.52
CA GLN A 30 -0.90 9.31 -11.28
C GLN A 30 -1.31 8.95 -12.71
N ARG A 31 -2.22 9.75 -13.26
CA ARG A 31 -2.63 9.61 -14.64
C ARG A 31 -1.75 10.48 -15.49
N PRO A 32 -1.54 10.08 -16.75
CA PRO A 32 -0.65 10.85 -17.60
C PRO A 32 -1.20 12.24 -17.86
N LEU A 33 -2.53 12.36 -17.92
CA LEU A 33 -3.11 13.66 -18.25
C LEU A 33 -4.33 14.05 -17.41
N THR A 34 -4.60 15.35 -17.42
CA THR A 34 -5.74 15.89 -16.73
C THR A 34 -6.75 16.41 -17.75
N LEU A 35 -7.97 15.90 -17.65
CA LEU A 35 -9.05 16.28 -18.53
C LEU A 35 -10.08 17.10 -17.81
N VAL A 36 -10.22 18.36 -18.20
CA VAL A 36 -11.19 19.26 -17.59
C VAL A 36 -12.41 19.39 -18.48
N ILE A 37 -13.59 19.02 -18.00
CA ILE A 37 -14.80 19.11 -18.83
C ILE A 37 -15.93 19.88 -18.15
N THR A 38 -16.79 20.51 -18.94
CA THR A 38 -17.90 21.29 -18.39
C THR A 38 -19.09 20.38 -18.22
N LEU A 39 -20.17 20.89 -17.62
CA LEU A 39 -21.31 20.04 -17.25
C LEU A 39 -22.52 20.27 -18.16
N GLU A 40 -23.14 21.44 -18.06
CA GLU A 40 -24.33 21.74 -18.86
C GLU A 40 -24.00 21.89 -20.35
N ASP A 41 -24.88 21.32 -21.18
CA ASP A 41 -24.76 21.34 -22.65
C ASP A 41 -23.53 20.54 -23.12
N PHE A 42 -23.07 19.63 -22.27
CA PHE A 42 -22.01 18.73 -22.63
C PHE A 42 -22.33 17.31 -22.17
N LEU A 43 -22.69 17.16 -20.90
CA LEU A 43 -23.05 15.86 -20.34
C LEU A 43 -24.54 15.77 -20.12
N VAL A 44 -25.14 16.91 -19.79
CA VAL A 44 -26.56 16.94 -19.56
C VAL A 44 -27.20 18.13 -20.27
N HIS A 45 -28.51 18.02 -20.41
CA HIS A 45 -29.29 19.03 -21.06
C HIS A 45 -30.59 19.11 -20.30
N SER A 46 -30.99 20.31 -19.93
CA SER A 46 -32.22 20.48 -19.17
C SER A 46 -33.17 21.40 -19.90
N GLU A 47 -34.44 21.10 -19.77
CA GLU A 47 -35.44 21.85 -20.49
C GLU A 47 -36.77 21.85 -19.76
N TRP A 48 -37.61 22.83 -20.07
CA TRP A 48 -38.95 22.86 -19.54
C TRP A 48 -39.98 22.73 -20.68
N SER A 49 -41.00 21.90 -20.47
CA SER A 49 -42.13 21.70 -21.38
C SER A 49 -43.40 21.80 -20.55
N GLN A 50 -44.57 21.97 -21.19
CA GLN A 50 -45.84 21.94 -20.46
C GLN A 50 -46.29 20.56 -20.05
N LYS A 51 -45.84 19.56 -20.78
CA LYS A 51 -46.37 18.21 -20.58
C LYS A 51 -45.64 17.65 -19.39
N HIS A 52 -44.33 17.82 -19.42
CA HIS A 52 -43.47 17.30 -18.38
C HIS A 52 -42.99 18.47 -17.54
N GLY A 53 -42.25 18.18 -16.50
CA GLY A 53 -41.78 19.27 -15.69
C GLY A 53 -40.60 19.97 -16.33
N TRP A 54 -39.76 20.46 -15.42
CA TRP A 54 -38.37 20.65 -15.69
C TRP A 54 -37.80 19.24 -15.65
N ARG A 55 -37.36 18.78 -16.82
CA ARG A 55 -36.76 17.47 -17.00
C ARG A 55 -35.30 17.70 -17.37
N THR A 56 -34.42 16.76 -17.05
CA THR A 56 -33.00 16.84 -17.48
C THR A 56 -32.58 15.53 -18.16
N ALA A 57 -31.78 15.62 -19.21
CA ALA A 57 -31.34 14.39 -19.87
C ALA A 57 -29.83 14.24 -19.88
N LYS A 58 -29.42 12.98 -19.73
CA LYS A 58 -28.03 12.58 -19.81
C LYS A 58 -27.70 12.19 -21.26
N ARG A 59 -26.60 12.71 -21.78
CA ARG A 59 -26.18 12.48 -23.17
C ARG A 59 -25.91 11.01 -23.47
N PRO A 60 -26.21 10.55 -24.71
CA PRO A 60 -25.87 9.17 -25.05
C PRO A 60 -24.40 8.95 -24.90
N GLY A 61 -23.99 7.95 -24.12
CA GLY A 61 -22.58 7.68 -23.94
C GLY A 61 -21.87 8.38 -22.80
N ALA A 62 -22.59 9.18 -22.01
CA ALA A 62 -21.98 9.88 -20.89
C ALA A 62 -21.31 8.91 -19.90
N ASP A 63 -22.06 7.90 -19.46
CA ASP A 63 -21.56 6.93 -18.50
C ASP A 63 -20.31 6.27 -19.06
N TYR A 64 -20.36 5.81 -20.31
CA TYR A 64 -19.20 5.14 -20.90
C TYR A 64 -18.03 6.09 -21.00
N PHE A 65 -18.29 7.31 -21.43
CA PHE A 65 -17.29 8.38 -21.59
C PHE A 65 -16.46 8.61 -20.31
N LEU A 66 -17.16 8.84 -19.20
CA LEU A 66 -16.49 9.05 -17.93
C LEU A 66 -15.79 7.77 -17.46
N GLY A 67 -16.51 6.66 -17.44
CA GLY A 67 -15.93 5.42 -16.94
C GLY A 67 -14.71 5.06 -17.77
N TYR A 68 -14.81 5.10 -19.09
CA TYR A 68 -13.72 4.64 -19.94
C TYR A 68 -12.51 5.57 -19.87
N LEU A 69 -12.71 6.87 -19.99
CA LEU A 69 -11.54 7.75 -20.02
C LEU A 69 -10.82 7.91 -18.68
N SER A 70 -11.47 7.50 -17.59
CA SER A 70 -10.91 7.66 -16.25
C SER A 70 -9.63 6.86 -16.07
N GLN A 71 -9.35 5.92 -16.99
CA GLN A 71 -8.16 5.12 -16.89
C GLN A 71 -6.95 5.82 -17.53
N TYR A 72 -7.21 6.89 -18.27
CA TYR A 72 -6.13 7.62 -18.90
C TYR A 72 -6.04 9.05 -18.39
N TYR A 73 -7.14 9.54 -17.83
CA TYR A 73 -7.23 10.92 -17.38
C TYR A 73 -7.67 11.08 -15.94
N GLU A 74 -7.10 12.08 -15.28
CA GLU A 74 -7.70 12.61 -14.09
C GLU A 74 -8.81 13.53 -14.56
N ILE A 75 -10.05 13.12 -14.33
CA ILE A 75 -11.18 13.86 -14.90
C ILE A 75 -11.68 14.94 -13.91
N VAL A 76 -11.61 16.19 -14.33
CA VAL A 76 -12.14 17.28 -13.54
C VAL A 76 -13.40 17.90 -14.14
N LEU A 77 -14.50 17.75 -13.41
CA LEU A 77 -15.77 18.31 -13.86
C LEU A 77 -15.89 19.74 -13.36
N PHE A 78 -15.62 20.68 -14.27
CA PHE A 78 -15.59 22.10 -13.94
C PHE A 78 -16.85 22.70 -14.52
N SER A 79 -17.88 22.80 -13.70
CA SER A 79 -19.17 23.30 -14.14
C SER A 79 -19.11 24.77 -14.45
N SER A 80 -19.88 25.21 -15.44
CA SER A 80 -20.00 26.62 -15.77
C SER A 80 -21.12 27.25 -14.99
N ASN A 81 -21.82 26.41 -14.23
CA ASN A 81 -22.95 26.87 -13.45
C ASN A 81 -22.57 26.95 -11.99
N TYR A 82 -23.33 27.75 -11.23
CA TYR A 82 -23.17 27.84 -9.79
C TYR A 82 -23.52 26.46 -9.21
N MET A 83 -23.03 26.18 -8.02
CA MET A 83 -23.10 24.84 -7.47
C MET A 83 -24.50 24.29 -7.23
N MET A 84 -25.41 25.04 -6.62
CA MET A 84 -26.74 24.48 -6.39
C MET A 84 -27.45 24.08 -7.67
N TYR A 85 -27.36 24.92 -8.69
CA TYR A 85 -28.00 24.64 -9.96
C TYR A 85 -27.30 23.41 -10.58
N SER A 86 -25.97 23.38 -10.47
CA SER A 86 -25.18 22.27 -10.99
C SER A 86 -25.63 20.96 -10.38
N ASP A 87 -25.82 20.95 -9.07
CA ASP A 87 -26.21 19.76 -8.35
C ASP A 87 -27.59 19.28 -8.80
N LYS A 88 -28.45 20.23 -9.13
CA LYS A 88 -29.83 19.89 -9.47
C LYS A 88 -29.88 19.18 -10.85
N ILE A 89 -29.12 19.69 -11.84
CA ILE A 89 -29.18 19.14 -13.17
C ILE A 89 -28.18 18.01 -13.39
N ALA A 90 -27.37 17.70 -12.38
CA ALA A 90 -26.35 16.65 -12.53
C ALA A 90 -26.81 15.34 -11.89
N GLU A 91 -28.03 15.36 -11.39
CA GLU A 91 -28.57 14.27 -10.61
C GLU A 91 -28.54 12.91 -11.33
N LYS A 92 -28.74 12.91 -12.64
CA LYS A 92 -28.81 11.66 -13.39
C LYS A 92 -27.43 11.02 -13.64
N LEU A 93 -26.39 11.79 -13.32
CA LEU A 93 -25.00 11.37 -13.39
C LEU A 93 -24.57 10.68 -12.09
N ASP A 94 -25.49 10.52 -11.13
CA ASP A 94 -25.09 10.00 -9.84
C ASP A 94 -24.43 8.64 -9.85
N PRO A 95 -24.96 7.67 -10.62
CA PRO A 95 -24.31 6.38 -10.43
C PRO A 95 -22.90 6.33 -11.02
N ILE A 96 -22.63 7.20 -11.96
CA ILE A 96 -21.34 7.23 -12.63
C ILE A 96 -20.39 8.27 -12.04
N HIS A 97 -20.95 9.20 -11.26
CA HIS A 97 -20.19 10.37 -10.83
C HIS A 97 -18.91 10.06 -10.06
N ALA A 98 -18.84 8.91 -9.41
CA ALA A 98 -17.62 8.57 -8.65
C ALA A 98 -16.34 8.54 -9.52
N PHE A 99 -16.46 8.43 -10.86
CA PHE A 99 -15.29 8.38 -11.76
C PHE A 99 -14.71 9.76 -11.96
N VAL A 100 -15.41 10.78 -11.49
CA VAL A 100 -14.86 12.13 -11.56
C VAL A 100 -13.88 12.26 -10.40
N SER A 101 -12.72 12.88 -10.60
CA SER A 101 -11.79 13.03 -9.49
C SER A 101 -12.08 14.27 -8.64
N TYR A 102 -12.44 15.39 -9.28
CA TYR A 102 -12.70 16.65 -8.58
C TYR A 102 -13.83 17.41 -9.24
N ASN A 103 -14.60 18.11 -8.40
CA ASN A 103 -15.68 18.94 -8.87
C ASN A 103 -15.44 20.42 -8.64
N LEU A 104 -15.68 21.23 -9.65
CA LEU A 104 -15.54 22.67 -9.53
C LEU A 104 -16.78 23.33 -10.10
N PHE A 105 -17.04 24.57 -9.69
CA PHE A 105 -18.24 25.28 -10.11
C PHE A 105 -17.95 26.73 -10.50
N LYS A 106 -19.00 27.47 -10.84
CA LYS A 106 -18.81 28.83 -11.32
C LYS A 106 -18.16 29.68 -10.25
N GLU A 107 -18.44 29.33 -9.00
CA GLU A 107 -17.80 29.98 -7.85
C GLU A 107 -16.27 29.91 -7.93
N HIS A 108 -15.75 28.99 -8.74
CA HIS A 108 -14.31 28.84 -8.84
C HIS A 108 -13.74 29.52 -10.07
N CYS A 109 -14.59 30.10 -10.92
CA CYS A 109 -14.12 30.83 -12.10
C CYS A 109 -13.46 32.13 -11.68
N VAL A 110 -12.68 32.72 -12.58
CA VAL A 110 -12.21 34.08 -12.35
C VAL A 110 -13.06 35.06 -13.15
N TYR A 111 -13.32 36.22 -12.56
CA TYR A 111 -14.10 37.26 -13.26
C TYR A 111 -13.18 38.35 -13.79
N LYS A 112 -13.05 38.43 -15.10
CA LYS A 112 -12.30 39.50 -15.76
C LYS A 112 -12.94 39.84 -17.09
N ASP A 113 -13.06 41.13 -17.37
CA ASP A 113 -13.62 41.63 -18.64
C ASP A 113 -15.13 41.24 -18.76
N GLY A 114 -15.81 41.09 -17.63
CA GLY A 114 -17.22 40.77 -17.72
C GLY A 114 -17.47 39.33 -18.12
N VAL A 115 -16.44 38.52 -17.99
CA VAL A 115 -16.51 37.13 -18.37
C VAL A 115 -16.12 36.22 -17.23
N HIS A 116 -16.84 35.12 -17.07
CA HIS A 116 -16.43 34.09 -16.11
C HIS A 116 -15.57 33.04 -16.82
N ILE A 117 -14.30 32.98 -16.41
CA ILE A 117 -13.28 32.15 -17.03
C ILE A 117 -12.79 31.03 -16.11
N LYS A 118 -12.68 29.82 -16.67
CA LYS A 118 -12.05 28.70 -15.97
C LYS A 118 -10.55 28.81 -16.17
N ASP A 119 -9.84 29.40 -15.22
CA ASP A 119 -8.42 29.67 -15.36
C ASP A 119 -7.59 28.47 -14.99
N LEU A 120 -7.18 27.75 -16.03
CA LEU A 120 -6.49 26.48 -15.91
C LEU A 120 -5.20 26.55 -15.07
N SER A 121 -4.59 27.73 -14.98
CA SER A 121 -3.33 27.91 -14.24
C SER A 121 -3.53 27.88 -12.72
N LYS A 122 -4.78 27.95 -12.30
CA LYS A 122 -5.11 27.89 -10.88
C LYS A 122 -5.38 26.43 -10.46
N LEU A 123 -5.16 25.49 -11.35
CA LEU A 123 -5.50 24.08 -11.11
C LEU A 123 -4.38 23.28 -10.45
N ASN A 124 -3.21 23.91 -10.32
CA ASN A 124 -2.06 23.22 -9.75
C ASN A 124 -1.79 21.95 -10.55
N ARG A 125 -1.79 22.10 -11.87
CA ARG A 125 -1.47 21.02 -12.81
C ARG A 125 -0.51 21.54 -13.87
N ASP A 126 0.40 20.69 -14.31
CA ASP A 126 1.30 21.05 -15.39
C ASP A 126 0.46 21.32 -16.66
N LEU A 127 0.47 22.57 -17.14
CA LEU A 127 -0.41 22.97 -18.25
C LEU A 127 -0.08 22.30 -19.57
N SER A 128 1.05 21.62 -19.61
CA SER A 128 1.42 20.85 -20.78
C SER A 128 0.72 19.51 -20.77
N LYS A 129 0.05 19.21 -19.65
CA LYS A 129 -0.50 17.89 -19.43
C LYS A 129 -2.01 17.98 -19.22
N VAL A 130 -2.60 19.09 -19.63
CA VAL A 130 -4.02 19.39 -19.34
C VAL A 130 -4.86 19.75 -20.57
N ILE A 131 -5.99 19.09 -20.70
CA ILE A 131 -6.94 19.38 -21.77
C ILE A 131 -8.30 19.87 -21.23
N ILE A 132 -8.84 20.93 -21.82
CA ILE A 132 -10.19 21.35 -21.46
C ILE A 132 -11.14 21.26 -22.65
N ILE A 133 -12.30 20.66 -22.42
CA ILE A 133 -13.36 20.57 -23.42
C ILE A 133 -14.57 21.35 -22.95
N ASP A 134 -14.99 22.34 -23.73
CA ASP A 134 -16.07 23.22 -23.28
C ASP A 134 -16.84 23.76 -24.46
N THR A 135 -18.04 24.27 -24.18
CA THR A 135 -18.97 24.68 -25.25
C THR A 135 -18.99 26.20 -25.44
N ASP A 136 -18.42 26.94 -24.49
CA ASP A 136 -18.26 28.39 -24.62
C ASP A 136 -16.77 28.73 -24.61
N PRO A 137 -16.26 29.27 -25.72
CA PRO A 137 -14.83 29.60 -25.84
C PRO A 137 -14.33 30.59 -24.78
N ASN A 138 -15.22 31.40 -24.21
CA ASN A 138 -14.83 32.32 -23.16
C ASN A 138 -14.37 31.61 -21.89
N SER A 139 -14.88 30.41 -21.66
CA SER A 139 -14.51 29.65 -20.48
C SER A 139 -13.04 29.28 -20.50
N TYR A 140 -12.47 29.15 -21.71
CA TYR A 140 -11.03 28.91 -21.82
C TYR A 140 -10.27 30.06 -22.47
N LYS A 141 -10.83 31.26 -22.33
CA LYS A 141 -10.25 32.48 -22.89
C LYS A 141 -8.77 32.68 -22.55
N LEU A 142 -8.34 32.20 -21.39
CA LEU A 142 -6.96 32.40 -20.96
C LEU A 142 -5.99 31.30 -21.43
N GLN A 143 -6.54 30.15 -21.80
CA GLN A 143 -5.71 29.04 -22.29
C GLN A 143 -6.33 28.30 -23.46
N PRO A 144 -6.55 29.01 -24.59
CA PRO A 144 -7.15 28.36 -25.76
C PRO A 144 -6.32 27.25 -26.38
N GLU A 145 -5.02 27.24 -26.11
CA GLU A 145 -4.13 26.22 -26.66
C GLU A 145 -4.34 24.86 -26.00
N ASN A 146 -5.13 24.81 -24.92
CA ASN A 146 -5.43 23.55 -24.26
C ASN A 146 -6.82 23.05 -24.62
N ALA A 147 -7.51 23.75 -25.51
CA ALA A 147 -8.94 23.52 -25.63
C ALA A 147 -9.38 22.72 -26.87
N ILE A 148 -10.35 21.85 -26.65
CA ILE A 148 -11.06 21.20 -27.71
C ILE A 148 -12.47 21.75 -27.63
N PRO A 149 -12.88 22.51 -28.65
CA PRO A 149 -14.22 23.11 -28.63
C PRO A 149 -15.28 22.10 -29.03
N MET A 150 -16.47 22.29 -28.51
CA MET A 150 -17.63 21.48 -28.83
C MET A 150 -18.78 22.44 -29.01
N GLU A 151 -19.66 22.17 -29.97
CA GLU A 151 -20.82 23.04 -30.09
C GLU A 151 -21.79 22.51 -29.05
N PRO A 152 -22.51 23.42 -28.37
CA PRO A 152 -23.41 23.10 -27.25
C PRO A 152 -24.42 22.01 -27.60
N TRP A 153 -24.58 21.05 -26.70
CA TRP A 153 -25.50 19.96 -26.94
C TRP A 153 -26.89 20.51 -26.72
N ASN A 154 -27.76 20.29 -27.68
CA ASN A 154 -29.13 20.80 -27.64
C ASN A 154 -30.15 19.74 -27.22
N GLY A 155 -29.70 18.53 -26.90
CA GLY A 155 -30.63 17.54 -26.35
C GLY A 155 -30.98 16.34 -27.20
N GLU A 156 -30.64 16.41 -28.48
CA GLU A 156 -30.91 15.32 -29.40
C GLU A 156 -29.88 14.22 -29.24
N ALA A 157 -30.28 12.97 -29.48
CA ALA A 157 -29.37 11.84 -29.34
C ALA A 157 -28.25 12.04 -30.35
N ASP A 158 -27.00 11.82 -29.96
CA ASP A 158 -25.91 11.77 -30.92
C ASP A 158 -24.83 10.86 -30.36
N ASP A 159 -23.68 10.79 -31.01
CA ASP A 159 -22.53 10.08 -30.47
C ASP A 159 -21.28 10.95 -30.51
N LYS A 160 -21.45 12.26 -30.65
CA LYS A 160 -20.31 13.18 -30.74
C LYS A 160 -19.34 13.03 -29.57
N LEU A 161 -19.88 12.68 -28.40
CA LEU A 161 -19.09 12.50 -27.19
C LEU A 161 -18.11 11.35 -27.30
N VAL A 162 -18.66 10.20 -27.67
CA VAL A 162 -17.89 8.99 -27.76
C VAL A 162 -16.81 9.09 -28.85
N ARG A 163 -17.08 9.86 -29.90
CA ARG A 163 -16.14 9.99 -31.02
C ARG A 163 -14.92 10.83 -30.63
N LEU A 164 -14.96 11.47 -29.47
CA LEU A 164 -13.82 12.21 -28.97
C LEU A 164 -12.79 11.25 -28.39
N ILE A 165 -13.25 10.04 -28.04
CA ILE A 165 -12.42 9.11 -27.29
C ILE A 165 -11.14 8.62 -27.99
N PRO A 166 -11.22 8.20 -29.29
CA PRO A 166 -10.01 7.67 -29.94
C PRO A 166 -8.84 8.65 -29.93
N PHE A 167 -9.09 9.92 -30.18
CA PHE A 167 -8.02 10.91 -30.09
C PHE A 167 -7.55 11.09 -28.65
N LEU A 168 -8.49 11.20 -27.71
CA LEU A 168 -8.14 11.39 -26.29
C LEU A 168 -7.37 10.16 -25.75
N GLU A 169 -7.80 8.97 -26.15
CA GLU A 169 -7.08 7.74 -25.80
C GLU A 169 -5.67 7.75 -26.39
N TYR A 170 -5.57 8.23 -27.63
CA TYR A 170 -4.28 8.34 -28.31
C TYR A 170 -3.31 9.22 -27.52
N LEU A 171 -3.75 10.40 -27.11
CA LEU A 171 -2.92 11.34 -26.35
C LEU A 171 -2.29 10.78 -25.08
N ALA A 172 -3.07 9.96 -24.40
CA ALA A 172 -2.69 9.43 -23.10
C ALA A 172 -1.70 8.28 -23.23
N THR A 173 -1.85 7.50 -24.28
CA THR A 173 -0.98 6.35 -24.46
C THR A 173 0.25 6.66 -25.31
N GLN A 174 0.42 7.92 -25.69
CA GLN A 174 1.61 8.33 -26.45
C GLN A 174 2.63 9.26 -25.83
N GLN A 175 3.04 9.00 -24.59
CA GLN A 175 4.30 9.60 -24.06
C GLN A 175 4.58 11.09 -24.28
N THR A 176 3.70 11.83 -24.95
CA THR A 176 3.97 13.22 -25.34
C THR A 176 4.26 14.10 -24.14
N LYS A 177 5.27 14.95 -24.31
CA LYS A 177 5.77 15.82 -23.25
C LYS A 177 5.05 17.16 -23.26
N ASP A 178 4.14 17.31 -24.21
CA ASP A 178 3.31 18.51 -24.31
C ASP A 178 2.16 18.29 -25.27
N VAL A 179 1.00 18.76 -24.85
CA VAL A 179 -0.24 18.46 -25.54
C VAL A 179 -0.65 19.69 -26.37
N ARG A 180 -0.12 20.85 -25.98
CA ARG A 180 -0.44 22.10 -26.67
C ARG A 180 0.02 22.16 -28.16
N PRO A 181 1.27 21.74 -28.47
CA PRO A 181 1.61 21.76 -29.90
C PRO A 181 0.78 20.80 -30.75
N ILE A 182 0.30 19.70 -30.17
CA ILE A 182 -0.51 18.76 -30.93
C ILE A 182 -1.90 19.30 -31.29
N LEU A 183 -2.51 20.09 -30.41
CA LEU A 183 -3.82 20.63 -30.75
C LEU A 183 -3.68 21.75 -31.78
N ASN A 184 -2.51 22.39 -31.81
CA ASN A 184 -2.26 23.47 -32.77
C ASN A 184 -1.94 22.88 -34.14
N SER A 185 -1.73 21.57 -34.20
CA SER A 185 -1.41 20.90 -35.45
C SER A 185 -2.67 20.50 -36.21
N PHE A 186 -3.83 20.85 -35.65
CA PHE A 186 -5.10 20.69 -36.35
C PHE A 186 -5.32 22.07 -36.91
N GLU A 187 -5.81 22.21 -38.14
CA GLU A 187 -6.11 23.59 -38.52
C GLU A 187 -7.56 23.99 -38.24
N ASP A 188 -8.38 23.07 -37.76
CA ASP A 188 -9.61 23.51 -37.10
C ASP A 188 -10.03 22.39 -36.12
N LYS A 189 -9.96 22.76 -34.84
CA LYS A 189 -10.22 21.83 -33.75
C LYS A 189 -11.69 21.44 -33.63
N LYS A 190 -12.57 22.19 -34.30
CA LYS A 190 -13.98 21.82 -34.33
C LYS A 190 -14.24 20.55 -35.15
N ASN A 191 -13.25 20.11 -35.93
CA ASN A 191 -13.42 18.87 -36.68
C ASN A 191 -12.34 17.87 -36.31
N LEU A 192 -11.89 17.98 -35.06
CA LEU A 192 -10.76 17.25 -34.50
C LEU A 192 -10.96 15.73 -34.58
N ALA A 193 -12.16 15.28 -34.22
CA ALA A 193 -12.48 13.86 -34.18
C ALA A 193 -12.24 13.18 -35.53
N GLU A 194 -12.71 13.78 -36.63
CA GLU A 194 -12.54 13.16 -37.95
C GLU A 194 -11.22 13.51 -38.62
N GLU A 195 -10.71 14.71 -38.37
CA GLU A 195 -9.39 15.12 -38.83
C GLU A 195 -8.36 14.16 -38.24
N PHE A 196 -8.79 13.45 -37.20
CA PHE A 196 -7.98 12.44 -36.57
C PHE A 196 -7.98 11.16 -37.42
N ASP A 197 -8.67 11.21 -38.55
CA ASP A 197 -8.76 10.05 -39.44
C ASP A 197 -7.81 10.20 -40.63
N HIS A 198 -6.54 10.45 -40.33
CA HIS A 198 -5.53 10.62 -41.38
C HIS A 198 -5.83 11.83 -42.24
N GLY B 1 -0.34 14.12 9.56
CA GLY B 1 -0.62 15.54 9.71
C GLY B 1 -1.63 16.11 8.72
N SER B 2 -2.78 15.44 8.60
CA SER B 2 -3.90 15.83 7.72
C SER B 2 -3.63 15.53 6.23
N HIS B 3 -2.57 16.12 5.70
CA HIS B 3 -2.13 15.79 4.34
C HIS B 3 -1.37 14.45 4.32
N MET B 4 -1.19 13.83 5.49
CA MET B 4 -0.62 12.49 5.54
C MET B 4 -1.70 11.48 5.96
N PHE B 5 -2.07 10.60 5.03
CA PHE B 5 -3.29 9.81 5.12
C PHE B 5 -3.20 8.63 6.06
N ASN B 6 -1.97 8.20 6.35
CA ASN B 6 -1.77 7.00 7.17
C ASN B 6 -1.94 7.36 8.63
N SER B 7 -3.12 7.10 9.14
CA SER B 7 -3.51 7.63 10.43
C SER B 7 -3.03 6.68 11.53
N MET B 8 -2.51 5.53 11.11
CA MET B 8 -1.98 4.54 12.04
C MET B 8 -0.47 4.72 12.31
N PHE B 9 0.24 5.55 11.53
CA PHE B 9 1.69 5.66 11.69
C PHE B 9 2.10 7.15 11.62
N THR B 10 1.97 7.87 12.72
CA THR B 10 2.18 9.30 12.65
C THR B 10 3.26 9.79 13.58
N TYR B 11 4.12 8.87 14.02
CA TYR B 11 5.18 9.20 14.97
C TYR B 11 6.13 10.26 14.50
N PHE B 12 6.48 10.22 13.21
CA PHE B 12 7.46 11.15 12.65
C PHE B 12 6.80 12.42 12.16
N GLN B 13 5.51 12.52 12.42
CA GLN B 13 4.70 13.62 11.97
C GLN B 13 4.18 14.46 13.13
N GLU B 14 4.62 14.13 14.34
CA GLU B 14 4.18 14.79 15.58
C GLU B 14 5.38 15.24 16.40
N PRO B 15 5.18 16.17 17.34
CA PRO B 15 6.37 16.62 18.07
C PRO B 15 6.88 15.50 18.93
N PRO B 16 8.20 15.47 19.16
CA PRO B 16 9.20 16.48 18.85
C PRO B 16 9.78 16.41 17.44
N PHE B 17 9.11 15.72 16.52
CA PHE B 17 9.59 15.62 15.14
C PHE B 17 10.96 15.03 15.13
N PRO B 18 11.05 13.77 15.56
CA PRO B 18 12.35 13.14 15.66
C PRO B 18 12.91 12.87 14.28
N ASP B 19 14.21 12.62 14.25
CA ASP B 19 14.95 12.38 13.05
C ASP B 19 14.59 11.03 12.44
N LEU B 20 14.64 10.97 11.10
CA LEU B 20 14.14 9.84 10.36
C LEU B 20 15.02 8.63 10.49
N LEU B 21 16.29 8.84 10.82
CA LEU B 21 17.24 7.75 10.94
C LEU B 21 17.90 7.71 12.31
N PRO B 22 18.20 6.49 12.81
CA PRO B 22 19.05 6.31 13.98
C PRO B 22 20.44 6.85 13.72
N PRO B 23 21.21 7.10 14.78
CA PRO B 23 22.59 7.55 14.58
C PRO B 23 23.35 6.51 13.79
N PRO B 24 24.39 6.94 13.06
CA PRO B 24 25.20 5.98 12.30
C PRO B 24 25.83 4.97 13.23
N PRO B 25 26.05 3.75 12.73
CA PRO B 25 26.69 2.69 13.51
C PRO B 25 28.17 3.02 13.75
N PRO B 26 28.78 2.37 14.75
CA PRO B 26 30.20 2.51 15.05
C PRO B 26 31.08 1.86 13.96
N PRO B 27 32.36 2.26 13.88
CA PRO B 27 33.47 1.76 13.07
C PRO B 27 33.30 0.29 12.59
N PRO B 28 33.96 -0.09 11.47
CA PRO B 28 33.65 -1.10 10.43
C PRO B 28 32.22 -1.58 10.16
N TYR B 29 31.18 -1.06 10.80
CA TYR B 29 29.84 -1.17 10.17
C TYR B 29 29.48 0.11 9.41
N GLN B 30 30.34 1.12 9.50
CA GLN B 30 30.13 2.41 8.88
C GLN B 30 30.45 2.56 7.39
N ARG B 31 29.62 3.31 6.67
CA ARG B 31 29.94 3.69 5.29
C ARG B 31 30.35 5.16 5.19
N PRO B 32 31.20 5.49 4.19
CA PRO B 32 31.63 6.89 4.02
C PRO B 32 30.52 7.86 3.61
N LEU B 33 29.51 7.37 2.89
CA LEU B 33 28.44 8.23 2.38
C LEU B 33 27.08 7.59 2.54
N THR B 34 26.04 8.40 2.45
CA THR B 34 24.68 7.88 2.51
C THR B 34 24.02 8.13 1.16
N LEU B 35 23.44 7.09 0.58
CA LEU B 35 22.80 7.23 -0.72
C LEU B 35 21.30 7.10 -0.57
N VAL B 36 20.59 8.17 -0.88
CA VAL B 36 19.14 8.17 -0.74
C VAL B 36 18.51 8.01 -2.09
N ILE B 37 17.74 6.95 -2.28
CA ILE B 37 17.11 6.77 -3.60
C ILE B 37 15.60 6.55 -3.54
N THR B 38 14.91 6.96 -4.58
CA THR B 38 13.48 6.74 -4.62
C THR B 38 13.22 5.35 -5.22
N LEU B 39 11.95 4.93 -5.21
CA LEU B 39 11.61 3.57 -5.61
C LEU B 39 10.93 3.49 -7.01
N GLU B 40 9.70 3.97 -7.10
CA GLU B 40 8.91 3.92 -8.33
C GLU B 40 9.50 4.84 -9.39
N ASP B 41 9.51 4.35 -10.63
CA ASP B 41 10.08 5.01 -11.80
C ASP B 41 11.57 5.18 -11.68
N PHE B 42 12.20 4.42 -10.78
CA PHE B 42 13.64 4.41 -10.67
C PHE B 42 14.14 2.98 -10.57
N LEU B 43 13.60 2.20 -9.64
CA LEU B 43 14.00 0.80 -9.55
C LEU B 43 12.91 -0.06 -10.13
N VAL B 44 11.66 0.37 -9.97
CA VAL B 44 10.56 -0.41 -10.49
C VAL B 44 9.54 0.47 -11.15
N HIS B 45 8.68 -0.19 -11.91
CA HIS B 45 7.58 0.48 -12.58
C HIS B 45 6.38 -0.45 -12.51
N SER B 46 5.26 0.07 -12.05
CA SER B 46 4.03 -0.74 -11.94
C SER B 46 2.92 -0.13 -12.78
N GLU B 47 2.03 -1.01 -13.23
CA GLU B 47 0.97 -0.64 -14.14
C GLU B 47 -0.19 -1.46 -13.63
N TRP B 48 -1.41 -0.94 -13.78
CA TRP B 48 -2.62 -1.64 -13.27
C TRP B 48 -3.32 -2.47 -14.32
N SER B 49 -3.72 -3.65 -13.85
CA SER B 49 -4.50 -4.61 -14.61
C SER B 49 -5.85 -4.61 -13.99
N GLN B 50 -6.84 -5.01 -14.78
CA GLN B 50 -8.22 -5.08 -14.37
C GLN B 50 -8.44 -6.38 -13.62
N LYS B 51 -7.58 -7.36 -13.94
CA LYS B 51 -7.66 -8.72 -13.40
C LYS B 51 -6.73 -9.00 -12.21
N HIS B 52 -5.43 -9.14 -12.49
CA HIS B 52 -4.40 -9.47 -11.47
C HIS B 52 -3.43 -8.29 -11.24
N GLY B 53 -3.23 -7.89 -9.99
CA GLY B 53 -2.36 -6.74 -9.63
C GLY B 53 -2.86 -5.47 -10.32
N TRP B 54 -2.06 -4.43 -10.62
CA TRP B 54 -0.63 -4.17 -10.30
C TRP B 54 0.34 -5.27 -10.72
N ARG B 55 0.97 -5.05 -11.87
CA ARG B 55 1.97 -5.97 -12.40
C ARG B 55 3.21 -5.09 -12.25
N THR B 56 4.32 -5.60 -11.74
CA THR B 56 5.43 -4.69 -11.49
C THR B 56 6.69 -5.11 -12.23
N ALA B 57 7.41 -4.16 -12.82
CA ALA B 57 8.64 -4.54 -13.50
C ALA B 57 9.84 -3.92 -12.79
N LYS B 58 10.89 -4.73 -12.63
CA LYS B 58 12.14 -4.28 -12.02
C LYS B 58 13.10 -3.84 -13.12
N ARG B 59 13.69 -2.67 -12.94
CA ARG B 59 14.65 -2.16 -13.90
C ARG B 59 15.90 -3.06 -13.99
N PRO B 60 16.49 -3.20 -15.19
CA PRO B 60 17.76 -3.91 -15.32
C PRO B 60 18.86 -3.25 -14.51
N GLY B 61 19.61 -4.03 -13.74
CA GLY B 61 20.69 -3.47 -12.96
C GLY B 61 20.25 -3.03 -11.57
N ALA B 62 18.97 -3.19 -11.26
CA ALA B 62 18.46 -2.85 -9.93
C ALA B 62 19.15 -3.64 -8.83
N ASP B 63 19.19 -4.96 -8.91
CA ASP B 63 19.85 -5.72 -7.83
C ASP B 63 21.33 -5.31 -7.73
N TYR B 64 21.99 -5.27 -8.87
CA TYR B 64 23.41 -4.98 -8.93
C TYR B 64 23.76 -3.58 -8.44
N PHE B 65 22.98 -2.60 -8.84
CA PHE B 65 23.16 -1.23 -8.40
C PHE B 65 23.23 -1.18 -6.86
N LEU B 66 22.21 -1.75 -6.25
CA LEU B 66 22.11 -1.76 -4.79
C LEU B 66 23.19 -2.62 -4.14
N GLY B 67 23.34 -3.85 -4.60
CA GLY B 67 24.26 -4.80 -3.99
C GLY B 67 25.70 -4.31 -4.03
N TYR B 68 26.10 -3.82 -5.20
CA TYR B 68 27.45 -3.40 -5.42
C TYR B 68 27.69 -2.16 -4.59
N LEU B 69 26.76 -1.20 -4.66
CA LEU B 69 26.96 0.06 -3.95
C LEU B 69 26.77 -0.07 -2.46
N SER B 70 26.18 -1.17 -1.99
CA SER B 70 26.00 -1.35 -0.57
C SER B 70 27.36 -1.49 0.07
N GLN B 71 28.40 -1.64 -0.74
CA GLN B 71 29.72 -1.77 -0.18
C GLN B 71 30.33 -0.42 0.15
N TYR B 72 29.79 0.64 -0.43
CA TYR B 72 30.40 1.96 -0.29
C TYR B 72 29.46 2.95 0.39
N TYR B 73 28.18 2.64 0.33
CA TYR B 73 27.11 3.52 0.77
C TYR B 73 26.18 2.90 1.80
N GLU B 74 25.74 3.72 2.75
CA GLU B 74 24.57 3.42 3.54
C GLU B 74 23.35 3.73 2.67
N ILE B 75 22.59 2.71 2.31
CA ILE B 75 21.52 2.92 1.35
C ILE B 75 20.19 3.14 2.02
N VAL B 76 19.63 4.30 1.73
CA VAL B 76 18.32 4.66 2.23
C VAL B 76 17.32 4.67 1.09
N LEU B 77 16.35 3.76 1.14
CA LEU B 77 15.33 3.70 0.11
C LEU B 77 14.16 4.57 0.50
N PHE B 78 14.07 5.76 -0.08
CA PHE B 78 13.08 6.72 0.37
C PHE B 78 11.96 6.79 -0.68
N SER B 79 10.92 6.00 -0.46
CA SER B 79 9.75 5.93 -1.33
C SER B 79 8.89 7.20 -1.29
N SER B 80 8.33 7.55 -2.43
CA SER B 80 7.40 8.66 -2.57
C SER B 80 5.97 8.18 -2.28
N ASN B 81 5.80 6.89 -2.07
CA ASN B 81 4.49 6.37 -1.75
C ASN B 81 4.30 6.01 -0.29
N TYR B 82 3.05 5.87 0.12
CA TYR B 82 2.75 5.42 1.45
C TYR B 82 3.27 3.99 1.62
N MET B 83 3.40 3.54 2.86
CA MET B 83 3.92 2.21 3.16
C MET B 83 3.11 1.14 2.41
N MET B 84 1.82 1.37 2.33
CA MET B 84 0.86 0.45 1.76
C MET B 84 1.22 -0.02 0.34
N TYR B 85 1.74 0.88 -0.49
CA TYR B 85 2.13 0.47 -1.84
C TYR B 85 3.26 -0.56 -1.81
N SER B 86 4.30 -0.32 -1.01
CA SER B 86 5.38 -1.28 -0.86
C SER B 86 4.84 -2.62 -0.35
N ASP B 87 3.84 -2.56 0.52
CA ASP B 87 3.28 -3.78 1.07
C ASP B 87 2.66 -4.63 -0.07
N LYS B 88 2.02 -3.97 -1.03
CA LYS B 88 1.34 -4.68 -2.12
C LYS B 88 2.32 -5.36 -3.06
N ILE B 89 3.39 -4.65 -3.41
CA ILE B 89 4.39 -5.18 -4.32
C ILE B 89 5.54 -5.77 -3.52
N ALA B 90 5.27 -6.39 -2.38
CA ALA B 90 6.39 -6.76 -1.53
C ALA B 90 7.19 -7.91 -2.08
N GLU B 91 6.59 -8.78 -2.87
CA GLU B 91 7.36 -9.91 -3.37
C GLU B 91 8.46 -9.40 -4.31
N LYS B 92 8.16 -8.41 -5.14
CA LYS B 92 9.14 -7.96 -6.10
C LYS B 92 10.22 -7.18 -5.42
N LEU B 93 9.96 -6.70 -4.22
CA LEU B 93 10.94 -5.93 -3.48
C LEU B 93 11.89 -6.71 -2.59
N ASP B 94 11.69 -8.02 -2.45
CA ASP B 94 12.52 -8.81 -1.53
C ASP B 94 14.01 -8.68 -1.89
N PRO B 95 14.36 -8.85 -3.19
CA PRO B 95 15.79 -8.77 -3.50
C PRO B 95 16.34 -7.37 -3.41
N ILE B 96 15.48 -6.35 -3.36
CA ILE B 96 15.97 -4.98 -3.32
C ILE B 96 16.15 -4.63 -1.85
N HIS B 97 15.24 -5.13 -1.02
CA HIS B 97 15.28 -4.84 0.39
C HIS B 97 16.52 -5.41 1.10
N ALA B 98 17.06 -6.48 0.54
CA ALA B 98 18.24 -7.13 1.11
C ALA B 98 19.47 -6.25 1.16
N PHE B 99 19.49 -5.17 0.39
CA PHE B 99 20.66 -4.30 0.36
C PHE B 99 20.40 -2.93 0.98
N VAL B 100 19.13 -2.66 1.31
CA VAL B 100 18.73 -1.40 1.95
C VAL B 100 18.91 -1.36 3.48
N SER B 101 19.48 -0.28 4.02
CA SER B 101 19.70 -0.20 5.48
C SER B 101 18.44 0.30 6.20
N TYR B 102 17.77 1.24 5.56
CA TYR B 102 16.55 1.83 6.05
C TYR B 102 15.58 2.15 4.92
N ASN B 103 14.31 1.89 5.17
CA ASN B 103 13.22 2.22 4.28
C ASN B 103 12.43 3.41 4.84
N LEU B 104 12.18 4.40 3.98
CA LEU B 104 11.39 5.55 4.36
C LEU B 104 10.28 5.71 3.34
N PHE B 105 9.21 6.35 3.80
CA PHE B 105 8.00 6.50 3.02
C PHE B 105 7.42 7.91 3.11
N LYS B 106 6.23 8.04 2.55
CA LYS B 106 5.55 9.32 2.50
C LYS B 106 5.22 9.72 3.96
N GLU B 107 5.03 8.70 4.81
CA GLU B 107 4.88 8.88 6.24
C GLU B 107 6.06 9.65 6.88
N HIS B 108 7.19 9.69 6.18
CA HIS B 108 8.38 10.37 6.68
C HIS B 108 8.64 11.69 5.99
N CYS B 109 7.80 12.02 5.02
CA CYS B 109 7.95 13.30 4.36
C CYS B 109 7.44 14.44 5.24
N VAL B 110 7.92 15.64 4.96
CA VAL B 110 7.28 16.82 5.49
C VAL B 110 6.51 17.44 4.32
N TYR B 111 5.29 17.90 4.60
CA TYR B 111 4.39 18.53 3.64
C TYR B 111 4.47 20.04 3.73
N LYS B 112 4.90 20.66 2.64
CA LYS B 112 4.91 22.11 2.55
C LYS B 112 4.52 22.61 1.19
N ASP B 113 3.49 23.47 1.16
CA ASP B 113 3.08 24.16 -0.04
C ASP B 113 2.73 23.21 -1.19
N GLY B 114 1.98 22.15 -0.88
CA GLY B 114 1.55 21.20 -1.87
C GLY B 114 2.57 20.17 -2.32
N VAL B 115 3.66 20.04 -1.58
CA VAL B 115 4.64 19.04 -1.96
C VAL B 115 5.00 18.12 -0.79
N HIS B 116 5.11 16.82 -1.07
CA HIS B 116 5.65 15.94 -0.06
C HIS B 116 7.15 15.88 -0.24
N ILE B 117 7.87 16.49 0.70
CA ILE B 117 9.30 16.69 0.54
C ILE B 117 10.13 15.74 1.40
N LYS B 118 11.13 15.15 0.76
CA LYS B 118 12.15 14.36 1.44
C LYS B 118 13.21 15.31 1.96
N ASP B 119 13.08 15.69 3.21
CA ASP B 119 13.93 16.69 3.83
C ASP B 119 15.19 16.04 4.35
N LEU B 120 16.26 16.16 3.60
CA LEU B 120 17.51 15.51 3.96
C LEU B 120 18.09 15.98 5.30
N SER B 121 17.68 17.16 5.77
CA SER B 121 18.20 17.69 7.05
C SER B 121 17.61 16.97 8.26
N LYS B 122 16.55 16.17 8.05
CA LYS B 122 15.93 15.38 9.11
C LYS B 122 16.55 13.97 9.20
N LEU B 123 17.60 13.71 8.43
CA LEU B 123 18.20 12.36 8.34
C LEU B 123 19.28 12.09 9.38
N ASN B 124 19.68 13.11 10.12
CA ASN B 124 20.76 12.96 11.09
C ASN B 124 22.04 12.40 10.40
N ARG B 125 22.33 12.97 9.24
CA ARG B 125 23.52 12.65 8.46
C ARG B 125 24.16 13.98 8.05
N ASP B 126 25.48 14.02 8.01
CA ASP B 126 26.16 15.18 7.52
C ASP B 126 25.82 15.43 6.03
N LEU B 127 25.21 16.58 5.74
CA LEU B 127 24.72 16.87 4.38
C LEU B 127 25.85 17.00 3.36
N SER B 128 27.07 17.04 3.83
CA SER B 128 28.19 17.05 2.90
C SER B 128 28.44 15.62 2.41
N LYS B 129 27.76 14.67 3.06
CA LYS B 129 28.01 13.25 2.87
C LYS B 129 26.77 12.45 2.43
N VAL B 130 25.83 13.12 1.79
CA VAL B 130 24.57 12.49 1.40
C VAL B 130 24.28 12.75 -0.05
N ILE B 131 23.93 11.72 -0.80
CA ILE B 131 23.48 11.90 -2.19
C ILE B 131 22.04 11.41 -2.32
N ILE B 132 21.18 12.20 -2.97
CA ILE B 132 19.83 11.71 -3.27
C ILE B 132 19.59 11.64 -4.78
N ILE B 133 18.99 10.52 -5.22
CA ILE B 133 18.60 10.33 -6.61
C ILE B 133 17.08 10.23 -6.74
N ASP B 134 16.50 11.06 -7.59
CA ASP B 134 15.05 11.03 -7.70
C ASP B 134 14.58 11.48 -9.07
N THR B 135 13.33 11.15 -9.35
CA THR B 135 12.72 11.39 -10.64
C THR B 135 11.78 12.58 -10.62
N ASP B 136 11.47 13.05 -9.43
CA ASP B 136 10.68 14.26 -9.28
C ASP B 136 11.50 15.28 -8.49
N PRO B 137 11.87 16.40 -9.13
CA PRO B 137 12.71 17.41 -8.48
C PRO B 137 12.06 18.01 -7.25
N ASN B 138 10.72 17.98 -7.16
CA ASN B 138 10.06 18.53 -5.98
C ASN B 138 10.38 17.77 -4.72
N SER B 139 10.65 16.48 -4.87
CA SER B 139 10.94 15.65 -3.73
C SER B 139 12.23 16.06 -3.03
N TYR B 140 13.18 16.64 -3.76
CA TYR B 140 14.38 17.17 -3.13
C TYR B 140 14.47 18.72 -3.20
N LYS B 141 13.30 19.33 -3.20
CA LYS B 141 13.15 20.78 -3.25
C LYS B 141 13.99 21.58 -2.22
N LEU B 142 14.25 20.99 -1.05
CA LEU B 142 14.99 21.70 0.01
C LEU B 142 16.50 21.52 -0.10
N GLN B 143 16.94 20.48 -0.80
CA GLN B 143 18.39 20.28 -0.96
C GLN B 143 18.78 19.87 -2.35
N PRO B 144 18.46 20.69 -3.37
CA PRO B 144 18.82 20.28 -4.73
C PRO B 144 20.34 20.14 -4.98
N GLU B 145 21.18 20.74 -4.15
CA GLU B 145 22.61 20.61 -4.36
C GLU B 145 23.13 19.22 -3.98
N ASN B 146 22.27 18.39 -3.39
CA ASN B 146 22.61 17.02 -3.03
C ASN B 146 22.03 16.03 -4.06
N ALA B 147 21.47 16.56 -5.14
CA ALA B 147 20.60 15.73 -5.98
C ALA B 147 21.19 15.33 -7.34
N ILE B 148 20.91 14.09 -7.72
CA ILE B 148 21.14 13.60 -9.06
C ILE B 148 19.80 13.32 -9.70
N PRO B 149 19.44 14.09 -10.74
CA PRO B 149 18.13 13.87 -11.36
C PRO B 149 18.17 12.69 -12.34
N MET B 150 17.06 11.99 -12.45
CA MET B 150 16.92 10.90 -13.40
C MET B 150 15.56 11.06 -14.05
N GLU B 151 15.46 10.75 -15.33
CA GLU B 151 14.18 10.87 -15.96
C GLU B 151 13.40 9.64 -15.55
N PRO B 152 12.11 9.81 -15.30
CA PRO B 152 11.27 8.72 -14.82
C PRO B 152 11.41 7.50 -15.70
N TRP B 153 11.54 6.32 -15.11
CA TRP B 153 11.73 5.12 -15.90
C TRP B 153 10.42 4.70 -16.56
N ASN B 154 10.46 4.49 -17.86
CA ASN B 154 9.24 4.21 -18.64
C ASN B 154 8.96 2.72 -18.81
N GLY B 155 9.86 1.87 -18.35
CA GLY B 155 9.64 0.43 -18.43
C GLY B 155 10.52 -0.28 -19.44
N GLU B 156 11.16 0.46 -20.33
CA GLU B 156 12.00 -0.16 -21.34
C GLU B 156 13.36 -0.48 -20.79
N ALA B 157 13.93 -1.59 -21.25
CA ALA B 157 15.21 -2.06 -20.76
C ALA B 157 16.29 -1.07 -21.11
N ASP B 158 17.08 -0.68 -20.12
CA ASP B 158 18.26 0.14 -20.36
C ASP B 158 19.33 -0.24 -19.34
N ASP B 159 20.42 0.51 -19.34
CA ASP B 159 21.47 0.31 -18.35
C ASP B 159 21.82 1.64 -17.64
N LYS B 160 20.86 2.57 -17.61
CA LYS B 160 21.06 3.89 -17.03
C LYS B 160 21.59 3.80 -15.58
N LEU B 161 21.07 2.80 -14.89
CA LEU B 161 21.33 2.55 -13.49
C LEU B 161 22.79 2.16 -13.32
N VAL B 162 23.23 1.18 -14.10
CA VAL B 162 24.59 0.64 -14.01
C VAL B 162 25.63 1.70 -14.44
N ARG B 163 25.21 2.64 -15.30
CA ARG B 163 26.14 3.66 -15.74
C ARG B 163 26.42 4.71 -14.67
N LEU B 164 25.64 4.70 -13.59
CA LEU B 164 25.85 5.60 -12.46
C LEU B 164 26.95 5.08 -11.54
N ILE B 165 27.24 3.79 -11.62
CA ILE B 165 28.12 3.18 -10.63
C ILE B 165 29.56 3.74 -10.60
N PRO B 166 30.19 3.94 -11.77
CA PRO B 166 31.56 4.47 -11.69
C PRO B 166 31.72 5.78 -10.96
N PHE B 167 30.82 6.75 -11.17
CA PHE B 167 30.89 8.01 -10.44
C PHE B 167 30.63 7.80 -8.96
N LEU B 168 29.57 7.06 -8.64
CA LEU B 168 29.23 6.81 -7.24
C LEU B 168 30.34 6.04 -6.54
N GLU B 169 30.96 5.08 -7.21
CA GLU B 169 32.09 4.41 -6.61
C GLU B 169 33.22 5.43 -6.40
N TYR B 170 33.42 6.31 -7.37
CA TYR B 170 34.44 7.33 -7.25
C TYR B 170 34.21 8.22 -6.00
N LEU B 171 32.99 8.72 -5.82
CA LEU B 171 32.69 9.59 -4.69
C LEU B 171 33.06 8.97 -3.34
N ALA B 172 32.72 7.70 -3.23
CA ALA B 172 32.89 6.94 -2.00
C ALA B 172 34.32 6.45 -1.70
N THR B 173 35.12 6.16 -2.72
CA THR B 173 36.48 5.67 -2.47
C THR B 173 37.58 6.71 -2.60
N GLN B 174 37.20 7.97 -2.72
CA GLN B 174 38.16 9.06 -2.86
C GLN B 174 37.67 10.33 -2.18
N GLN B 175 38.56 10.97 -1.41
CA GLN B 175 38.21 12.19 -0.70
C GLN B 175 37.59 13.21 -1.64
N THR B 176 36.40 13.68 -1.30
CA THR B 176 35.70 14.67 -2.13
C THR B 176 35.09 15.77 -1.26
N LYS B 177 34.93 15.48 0.03
CA LYS B 177 34.36 16.45 0.96
C LYS B 177 32.88 16.69 0.67
N ASP B 178 32.44 17.93 0.88
CA ASP B 178 31.05 18.30 0.63
C ASP B 178 30.59 17.84 -0.75
N VAL B 179 30.35 16.55 -0.89
CA VAL B 179 29.90 15.97 -2.19
C VAL B 179 29.18 16.92 -3.20
N ARG B 180 28.72 18.07 -2.71
CA ARG B 180 27.96 19.04 -3.49
C ARG B 180 28.65 19.92 -4.61
N PRO B 181 29.81 20.58 -4.39
CA PRO B 181 30.39 20.97 -5.69
C PRO B 181 30.85 19.94 -6.62
N ILE B 182 31.15 18.74 -6.18
CA ILE B 182 31.48 17.80 -7.19
C ILE B 182 30.24 17.63 -8.07
N LEU B 183 29.04 17.61 -7.49
CA LEU B 183 27.87 17.54 -8.34
C LEU B 183 27.59 18.88 -9.03
N ASN B 184 28.06 19.99 -8.46
CA ASN B 184 27.84 21.31 -9.06
C ASN B 184 28.83 21.60 -10.21
N SER B 185 29.84 20.75 -10.36
CA SER B 185 30.82 20.96 -11.42
C SER B 185 30.41 20.33 -12.76
N PHE B 186 29.21 19.76 -12.82
CA PHE B 186 28.69 19.24 -14.08
C PHE B 186 27.89 20.35 -14.76
N GLU B 187 27.95 20.46 -16.07
CA GLU B 187 27.13 21.48 -16.73
C GLU B 187 25.70 21.03 -16.93
N ASP B 188 25.47 19.72 -16.82
CA ASP B 188 24.10 19.22 -16.80
C ASP B 188 24.07 17.87 -16.08
N LYS B 189 23.53 17.83 -14.88
CA LYS B 189 23.58 16.60 -14.08
C LYS B 189 22.70 15.54 -14.67
N LYS B 190 21.82 15.94 -15.59
CA LYS B 190 21.02 14.95 -16.32
C LYS B 190 21.90 14.10 -17.24
N ASN B 191 23.13 14.55 -17.46
CA ASN B 191 24.07 13.81 -18.27
C ASN B 191 25.32 13.48 -17.49
N LEU B 192 25.16 13.22 -16.20
CA LEU B 192 26.27 13.06 -15.27
C LEU B 192 27.21 11.91 -15.65
N ALA B 193 26.61 10.76 -15.92
CA ALA B 193 27.36 9.55 -16.22
C ALA B 193 28.27 9.75 -17.43
N GLU B 194 27.76 10.46 -18.43
CA GLU B 194 28.49 10.62 -19.67
C GLU B 194 29.57 11.69 -19.58
N GLU B 195 29.26 12.78 -18.89
CA GLU B 195 30.24 13.82 -18.63
C GLU B 195 31.42 13.37 -17.80
N PHE B 196 31.21 12.30 -17.04
CA PHE B 196 32.23 11.84 -16.12
C PHE B 196 33.40 11.12 -16.83
N ASP B 197 33.35 11.08 -18.16
CA ASP B 197 34.49 10.62 -18.97
C ASP B 197 34.99 11.78 -19.86
N HIS B 198 36.11 12.44 -19.49
CA HIS B 198 36.87 12.18 -18.27
C HIS B 198 36.88 13.39 -17.36
N PRO C 18 23.74 -23.57 31.60
CA PRO C 18 24.80 -22.66 32.08
C PRO C 18 24.30 -21.22 32.10
N ASP C 19 25.20 -20.25 31.99
CA ASP C 19 24.76 -18.87 31.80
C ASP C 19 24.43 -18.70 30.32
N LEU C 20 23.36 -17.99 30.00
CA LEU C 20 22.95 -17.89 28.61
C LEU C 20 23.78 -16.86 27.85
N LEU C 21 24.32 -15.89 28.58
CA LEU C 21 25.12 -14.85 27.96
C LEU C 21 26.51 -14.78 28.53
N PRO C 22 27.51 -14.52 27.67
CA PRO C 22 28.85 -14.19 28.13
C PRO C 22 28.81 -12.88 28.89
N PRO C 23 29.86 -12.58 29.67
CA PRO C 23 29.92 -11.30 30.38
C PRO C 23 29.89 -10.13 29.40
N PRO C 24 29.40 -8.96 29.85
CA PRO C 24 29.32 -7.81 28.93
C PRO C 24 30.69 -7.45 28.34
N PRO C 25 30.70 -6.92 27.11
CA PRO C 25 31.96 -6.53 26.48
C PRO C 25 32.54 -5.33 27.22
N PRO C 26 33.85 -5.08 27.06
CA PRO C 26 34.41 -3.84 27.61
C PRO C 26 33.97 -2.59 26.84
N PRO C 27 34.04 -1.43 27.49
CA PRO C 27 33.79 -0.15 26.80
C PRO C 27 34.80 0.09 25.68
N PRO C 28 34.43 0.89 24.65
CA PRO C 28 33.27 1.78 24.55
C PRO C 28 31.96 1.14 24.11
N TYR C 29 31.95 -0.17 23.87
CA TYR C 29 30.75 -0.83 23.36
C TYR C 29 29.89 -1.50 24.43
N GLN C 30 30.23 -1.19 25.68
CA GLN C 30 29.43 -1.56 26.83
C GLN C 30 28.23 -0.61 26.85
N ARG C 31 27.04 -1.13 27.12
CA ARG C 31 25.87 -0.27 27.32
C ARG C 31 25.39 -0.28 28.77
N PRO C 32 24.77 0.81 29.23
CA PRO C 32 24.30 0.86 30.61
C PRO C 32 23.12 -0.08 30.95
N LEU C 33 22.29 -0.42 29.96
CA LEU C 33 21.09 -1.24 30.23
C LEU C 33 20.93 -2.39 29.23
N THR C 34 20.18 -3.42 29.62
CA THR C 34 19.91 -4.54 28.75
C THR C 34 18.45 -4.62 28.41
N LEU C 35 18.19 -4.68 27.10
CA LEU C 35 16.82 -4.73 26.59
C LEU C 35 16.55 -6.08 25.97
N VAL C 36 15.61 -6.78 26.56
CA VAL C 36 15.25 -8.11 26.10
C VAL C 36 13.95 -8.05 25.34
N ILE C 37 13.95 -8.45 24.08
CA ILE C 37 12.72 -8.39 23.27
C ILE C 37 12.40 -9.71 22.59
N THR C 38 11.12 -9.95 22.35
CA THR C 38 10.71 -11.15 21.64
C THR C 38 10.67 -10.87 20.14
N LEU C 39 10.42 -11.90 19.32
CA LEU C 39 10.50 -11.76 17.86
C LEU C 39 9.13 -11.75 17.18
N GLU C 40 8.44 -12.88 17.18
CA GLU C 40 7.18 -12.98 16.47
C GLU C 40 6.09 -12.16 17.15
N ASP C 41 5.25 -11.51 16.35
CA ASP C 41 4.14 -10.70 16.82
C ASP C 41 4.63 -9.48 17.61
N PHE C 42 5.87 -9.10 17.36
CA PHE C 42 6.39 -7.91 17.95
C PHE C 42 7.20 -7.14 16.92
N LEU C 43 8.16 -7.82 16.30
CA LEU C 43 9.00 -7.22 15.27
C LEU C 43 8.61 -7.71 13.89
N VAL C 44 8.16 -8.97 13.80
CA VAL C 44 7.76 -9.57 12.52
C VAL C 44 6.41 -10.31 12.67
N HIS C 45 5.78 -10.57 11.53
CA HIS C 45 4.51 -11.27 11.44
C HIS C 45 4.58 -12.13 10.19
N SER C 46 4.21 -13.41 10.29
CA SER C 46 4.26 -14.20 9.08
C SER C 46 2.91 -14.86 8.89
N GLU C 47 2.54 -15.02 7.63
CA GLU C 47 1.21 -15.52 7.29
C GLU C 47 1.24 -16.22 5.94
N TRP C 48 0.24 -17.06 5.66
CA TRP C 48 0.16 -17.71 4.36
C TRP C 48 -1.07 -17.26 3.57
N SER C 49 -0.86 -16.98 2.29
CA SER C 49 -1.94 -16.63 1.35
C SER C 49 -1.84 -17.52 0.09
N GLN C 50 -2.88 -17.56 -0.74
CA GLN C 50 -2.76 -18.33 -1.99
C GLN C 50 -2.00 -17.60 -3.07
N LYS C 51 -1.99 -16.27 -3.02
CA LYS C 51 -1.42 -15.46 -4.08
C LYS C 51 0.09 -15.47 -3.87
N HIS C 52 0.49 -15.16 -2.65
CA HIS C 52 1.91 -15.13 -2.32
C HIS C 52 2.18 -16.35 -1.43
N GLY C 53 3.45 -16.69 -1.20
CA GLY C 53 3.77 -17.85 -0.37
C GLY C 53 3.37 -17.76 1.12
N TRP C 54 4.15 -18.38 1.99
CA TRP C 54 4.27 -17.72 3.27
C TRP C 54 5.30 -16.64 3.17
N ARG C 55 4.81 -15.49 3.62
CA ARG C 55 5.53 -14.24 3.63
C ARG C 55 5.80 -13.80 5.06
N THR C 56 6.90 -13.09 5.29
CA THR C 56 7.07 -12.50 6.60
C THR C 56 7.24 -11.02 6.35
N ALA C 57 6.60 -10.23 7.21
CA ALA C 57 6.66 -8.77 7.19
C ALA C 57 7.18 -8.20 8.51
N LYS C 58 7.94 -7.11 8.41
CA LYS C 58 8.46 -6.34 9.56
C LYS C 58 7.47 -5.28 10.05
N ARG C 59 7.34 -5.12 11.36
CA ARG C 59 6.50 -4.05 11.88
C ARG C 59 7.07 -2.74 11.41
N PRO C 60 6.19 -1.77 11.10
CA PRO C 60 6.67 -0.45 10.74
C PRO C 60 7.50 0.18 11.87
N GLY C 61 8.72 0.58 11.55
CA GLY C 61 9.62 1.18 12.52
C GLY C 61 10.58 0.23 13.23
N ALA C 62 10.52 -1.06 12.91
CA ALA C 62 11.41 -2.05 13.50
C ALA C 62 12.89 -1.72 13.29
N ASP C 63 13.29 -1.37 12.08
CA ASP C 63 14.68 -1.02 11.83
C ASP C 63 15.07 0.19 12.69
N TYR C 64 14.23 1.22 12.70
CA TYR C 64 14.47 2.43 13.46
C TYR C 64 14.57 2.13 14.95
N PHE C 65 13.64 1.32 15.44
CA PHE C 65 13.60 0.88 16.84
C PHE C 65 14.94 0.27 17.26
N LEU C 66 15.37 -0.75 16.55
CA LEU C 66 16.61 -1.43 16.89
C LEU C 66 17.81 -0.48 16.81
N GLY C 67 17.91 0.26 15.71
CA GLY C 67 19.03 1.16 15.48
C GLY C 67 19.12 2.25 16.55
N TYR C 68 17.97 2.81 16.86
CA TYR C 68 17.92 3.94 17.76
C TYR C 68 18.22 3.50 19.18
N LEU C 69 17.57 2.44 19.62
CA LEU C 69 17.74 2.08 21.02
C LEU C 69 19.08 1.44 21.31
N SER C 70 19.77 0.97 20.27
CA SER C 70 21.04 0.27 20.50
C SER C 70 22.13 1.20 21.04
N GLN C 71 21.90 2.50 21.01
CA GLN C 71 22.89 3.42 21.54
C GLN C 71 22.76 3.50 23.04
N TYR C 72 21.64 3.00 23.57
CA TYR C 72 21.37 3.04 25.01
C TYR C 72 21.27 1.67 25.64
N TYR C 73 20.95 0.68 24.82
CA TYR C 73 20.69 -0.64 25.35
C TYR C 73 21.55 -1.68 24.66
N GLU C 74 21.99 -2.66 25.44
CA GLU C 74 22.45 -3.93 24.90
C GLU C 74 21.18 -4.71 24.59
N ILE C 75 20.94 -4.95 23.30
CA ILE C 75 19.70 -5.57 22.85
C ILE C 75 19.82 -7.07 22.68
N VAL C 76 18.97 -7.80 23.39
CA VAL C 76 18.91 -9.24 23.30
C VAL C 76 17.62 -9.69 22.61
N LEU C 77 17.74 -10.34 21.48
CA LEU C 77 16.55 -10.81 20.80
C LEU C 77 16.25 -12.22 21.30
N PHE C 78 15.28 -12.33 22.20
CA PHE C 78 14.99 -13.61 22.86
C PHE C 78 13.71 -14.14 22.27
N SER C 79 13.82 -14.99 21.27
CA SER C 79 12.64 -15.49 20.58
C SER C 79 11.80 -16.46 21.41
N SER C 80 10.48 -16.38 21.27
CA SER C 80 9.59 -17.32 21.96
C SER C 80 9.43 -18.58 21.13
N ASN C 81 10.05 -18.61 19.96
CA ASN C 81 9.98 -19.74 19.05
C ASN C 81 11.27 -20.57 19.01
N TYR C 82 11.18 -21.81 18.56
CA TYR C 82 12.38 -22.64 18.45
C TYR C 82 13.30 -22.01 17.45
N MET C 83 14.58 -22.37 17.50
CA MET C 83 15.56 -21.66 16.70
C MET C 83 15.34 -21.69 15.18
N MET C 84 15.11 -22.86 14.58
CA MET C 84 14.94 -22.90 13.13
C MET C 84 13.77 -22.08 12.61
N TYR C 85 12.62 -22.16 13.26
CA TYR C 85 11.48 -21.39 12.80
C TYR C 85 11.81 -19.89 12.98
N SER C 86 12.41 -19.56 14.12
CA SER C 86 12.80 -18.19 14.38
C SER C 86 13.71 -17.64 13.32
N ASP C 87 14.67 -18.45 12.93
CA ASP C 87 15.67 -18.03 11.98
C ASP C 87 15.05 -17.69 10.66
N LYS C 88 14.03 -18.44 10.28
CA LYS C 88 13.48 -18.25 8.97
C LYS C 88 12.67 -16.96 8.91
N ILE C 89 11.89 -16.68 9.94
CA ILE C 89 11.06 -15.50 9.86
C ILE C 89 11.82 -14.23 10.29
N ALA C 90 13.07 -14.38 10.69
CA ALA C 90 13.88 -13.26 11.16
C ALA C 90 14.77 -12.74 10.05
N GLU C 91 14.72 -13.41 8.91
CA GLU C 91 15.61 -13.10 7.80
C GLU C 91 15.50 -11.63 7.36
N LYS C 92 14.31 -11.04 7.40
CA LYS C 92 14.16 -9.67 6.91
C LYS C 92 14.82 -8.67 7.86
N LEU C 93 15.24 -9.15 9.03
CA LEU C 93 15.93 -8.33 10.03
C LEU C 93 17.44 -8.30 9.81
N ASP C 94 17.89 -8.97 8.75
CA ASP C 94 19.32 -9.15 8.47
C ASP C 94 20.15 -7.85 8.28
N PRO C 95 19.63 -6.88 7.50
CA PRO C 95 20.48 -5.69 7.34
C PRO C 95 20.62 -4.88 8.61
N ILE C 96 19.67 -5.08 9.52
CA ILE C 96 19.61 -4.37 10.79
C ILE C 96 20.22 -5.19 11.92
N HIS C 97 20.33 -6.50 11.72
CA HIS C 97 20.65 -7.40 12.82
C HIS C 97 21.97 -7.06 13.57
N ALA C 98 22.86 -6.27 12.96
CA ALA C 98 24.11 -5.78 13.58
C ALA C 98 23.88 -4.94 14.88
N PHE C 99 22.67 -4.51 15.15
CA PHE C 99 22.39 -3.77 16.36
C PHE C 99 21.96 -4.69 17.49
N VAL C 100 21.67 -5.94 17.14
CA VAL C 100 21.32 -6.96 18.15
C VAL C 100 22.60 -7.55 18.67
N SER C 101 22.74 -7.67 19.99
CA SER C 101 23.98 -8.15 20.56
C SER C 101 24.04 -9.67 20.66
N TYR C 102 22.90 -10.30 21.00
CA TYR C 102 22.86 -11.74 21.22
C TYR C 102 21.52 -12.29 20.78
N ASN C 103 21.52 -13.51 20.26
CA ASN C 103 20.26 -14.17 19.91
C ASN C 103 19.96 -15.37 20.79
N LEU C 104 18.74 -15.42 21.33
CA LEU C 104 18.28 -16.57 22.12
C LEU C 104 16.92 -17.03 21.60
N PHE C 105 16.58 -18.29 21.86
CA PHE C 105 15.37 -18.91 21.31
C PHE C 105 14.60 -19.73 22.35
N LYS C 106 13.55 -20.43 21.92
CA LYS C 106 12.72 -21.17 22.85
C LYS C 106 13.52 -22.27 23.54
N GLU C 107 14.53 -22.80 22.86
CA GLU C 107 15.46 -23.76 23.47
C GLU C 107 16.11 -23.21 24.75
N HIS C 108 16.10 -21.90 24.94
CA HIS C 108 16.77 -21.28 26.08
C HIS C 108 15.80 -20.94 27.18
N CYS C 109 14.53 -21.26 26.96
CA CYS C 109 13.55 -21.06 28.03
C CYS C 109 13.71 -22.11 29.12
N VAL C 110 13.14 -21.82 30.27
CA VAL C 110 12.99 -22.78 31.32
C VAL C 110 11.56 -23.31 31.23
N TYR C 111 11.39 -24.61 31.46
CA TYR C 111 10.07 -25.20 31.45
C TYR C 111 9.69 -25.39 32.92
N LYS C 112 8.67 -24.70 33.38
CA LYS C 112 8.23 -24.90 34.76
C LYS C 112 6.72 -24.76 34.83
N ASP C 113 6.04 -25.75 35.42
CA ASP C 113 4.59 -25.73 35.61
C ASP C 113 3.82 -25.61 34.29
N GLY C 114 4.33 -26.27 33.25
CA GLY C 114 3.68 -26.27 31.95
C GLY C 114 3.82 -25.03 31.07
N VAL C 115 4.70 -24.11 31.44
CA VAL C 115 4.91 -22.91 30.62
C VAL C 115 6.40 -22.68 30.33
N HIS C 116 6.70 -22.19 29.12
CA HIS C 116 8.06 -21.85 28.74
C HIS C 116 8.40 -20.40 29.11
N ILE C 117 9.32 -20.27 30.05
CA ILE C 117 9.66 -18.99 30.65
C ILE C 117 11.05 -18.48 30.26
N LYS C 118 11.12 -17.20 29.94
CA LYS C 118 12.38 -16.51 29.71
C LYS C 118 12.88 -16.09 31.08
N ASP C 119 13.77 -16.88 31.68
CA ASP C 119 14.17 -16.60 33.05
C ASP C 119 15.27 -15.57 33.02
N LEU C 120 14.94 -14.32 33.31
CA LEU C 120 15.91 -13.24 33.23
C LEU C 120 17.14 -13.42 34.11
N SER C 121 17.04 -14.28 35.12
CA SER C 121 18.16 -14.53 36.02
C SER C 121 19.26 -15.41 35.37
N LYS C 122 18.98 -16.04 34.23
CA LYS C 122 20.00 -16.86 33.57
C LYS C 122 20.78 -16.02 32.57
N LEU C 123 20.54 -14.71 32.58
CA LEU C 123 21.15 -13.84 31.56
C LEU C 123 22.53 -13.32 31.95
N ASN C 124 22.95 -13.57 33.20
CA ASN C 124 24.24 -13.05 33.68
C ASN C 124 24.30 -11.53 33.57
N ARG C 125 23.21 -10.88 33.98
CA ARG C 125 23.11 -9.42 33.98
C ARG C 125 22.44 -8.97 35.27
N ASP C 126 22.84 -7.82 35.80
CA ASP C 126 22.18 -7.27 36.99
C ASP C 126 20.74 -6.91 36.64
N LEU C 127 19.77 -7.58 37.28
CA LEU C 127 18.36 -7.43 36.94
C LEU C 127 17.78 -6.06 37.25
N SER C 128 18.54 -5.21 37.91
CA SER C 128 18.09 -3.85 38.15
C SER C 128 18.33 -3.05 36.87
N LYS C 129 19.00 -3.67 35.91
CA LYS C 129 19.42 -3.02 34.69
C LYS C 129 18.85 -3.68 33.45
N VAL C 130 17.76 -4.41 33.62
CA VAL C 130 17.21 -5.23 32.56
C VAL C 130 15.73 -4.95 32.33
N ILE C 131 15.37 -4.75 31.07
CA ILE C 131 13.98 -4.60 30.67
C ILE C 131 13.62 -5.72 29.71
N ILE C 132 12.46 -6.35 29.91
CA ILE C 132 11.98 -7.30 28.91
C ILE C 132 10.65 -6.77 28.37
N ILE C 133 10.51 -6.81 27.04
CA ILE C 133 9.24 -6.44 26.40
C ILE C 133 8.68 -7.67 25.73
N ASP C 134 7.45 -8.06 26.06
CA ASP C 134 6.95 -9.30 25.47
C ASP C 134 5.46 -9.29 25.37
N THR C 135 4.94 -10.19 24.55
CA THR C 135 3.52 -10.24 24.21
C THR C 135 2.75 -11.33 24.95
N ASP C 136 3.44 -12.27 25.57
CA ASP C 136 2.77 -13.26 26.42
C ASP C 136 3.34 -13.14 27.84
N PRO C 137 2.47 -12.81 28.81
CA PRO C 137 2.87 -12.58 30.21
C PRO C 137 3.54 -13.79 30.81
N ASN C 138 3.26 -14.95 30.23
CA ASN C 138 3.88 -16.17 30.70
C ASN C 138 5.37 -16.14 30.49
N SER C 139 5.83 -15.46 29.45
CA SER C 139 7.26 -15.42 29.12
C SER C 139 8.11 -14.73 30.16
N TYR C 140 7.52 -13.80 30.90
CA TYR C 140 8.25 -13.14 31.99
C TYR C 140 7.67 -13.45 33.39
N LYS C 141 7.08 -14.64 33.52
CA LYS C 141 6.47 -15.11 34.76
C LYS C 141 7.33 -14.99 36.02
N LEU C 142 8.64 -15.14 35.87
CA LEU C 142 9.55 -15.10 37.02
C LEU C 142 10.07 -13.71 37.38
N GLN C 143 9.98 -12.76 36.45
CA GLN C 143 10.43 -11.40 36.71
C GLN C 143 9.47 -10.37 36.12
N PRO C 144 8.19 -10.38 36.54
CA PRO C 144 7.20 -9.45 35.99
C PRO C 144 7.52 -7.99 36.33
N GLU C 145 8.36 -7.80 37.34
CA GLU C 145 8.75 -6.45 37.75
C GLU C 145 9.70 -5.81 36.74
N ASN C 146 10.21 -6.59 35.79
CA ASN C 146 11.11 -6.06 34.75
C ASN C 146 10.44 -5.86 33.39
N ALA C 147 9.14 -6.07 33.33
CA ALA C 147 8.46 -6.26 32.04
C ALA C 147 7.58 -5.11 31.57
N ILE C 148 7.58 -4.91 30.27
CA ILE C 148 6.66 -3.99 29.62
C ILE C 148 5.72 -4.82 28.75
N PRO C 149 4.42 -4.79 29.03
CA PRO C 149 3.54 -5.61 28.19
C PRO C 149 3.22 -4.94 26.87
N MET C 150 3.07 -5.75 25.85
CA MET C 150 2.68 -5.28 24.54
C MET C 150 1.65 -6.23 24.00
N GLU C 151 0.65 -5.70 23.31
CA GLU C 151 -0.32 -6.64 22.81
C GLU C 151 0.19 -7.27 21.55
N PRO C 152 -0.10 -8.56 21.41
CA PRO C 152 0.44 -9.32 20.28
C PRO C 152 0.12 -8.60 18.99
N TRP C 153 1.13 -8.36 18.16
CA TRP C 153 0.93 -7.67 16.91
C TRP C 153 0.31 -8.65 15.94
N ASN C 154 -0.80 -8.25 15.33
CA ASN C 154 -1.57 -9.13 14.45
C ASN C 154 -1.17 -8.88 13.00
N GLY C 155 -0.26 -7.94 12.80
CA GLY C 155 0.22 -7.68 11.46
C GLY C 155 -0.23 -6.38 10.81
N GLU C 156 -1.25 -5.70 11.35
CA GLU C 156 -1.54 -4.43 10.71
C GLU C 156 -0.66 -3.31 11.17
N ALA C 157 -0.38 -2.43 10.22
CA ALA C 157 0.50 -1.30 10.44
C ALA C 157 -0.02 -0.32 11.50
N ASP C 158 0.89 -0.07 12.43
CA ASP C 158 0.77 0.91 13.48
C ASP C 158 2.17 1.45 13.78
N ASP C 159 2.26 2.28 14.80
CA ASP C 159 3.55 2.78 15.19
C ASP C 159 3.75 2.50 16.69
N LYS C 160 2.97 1.57 17.23
CA LYS C 160 3.03 1.29 18.67
C LYS C 160 4.45 0.94 19.15
N LEU C 161 5.23 0.29 18.29
CA LEU C 161 6.60 -0.15 18.59
C LEU C 161 7.53 1.04 18.78
N VAL C 162 7.48 1.91 17.81
CA VAL C 162 8.29 3.09 17.79
C VAL C 162 7.85 4.07 18.92
N ARG C 163 6.60 3.98 19.36
CA ARG C 163 6.12 4.83 20.46
C ARG C 163 6.68 4.44 21.82
N LEU C 164 7.36 3.31 21.93
CA LEU C 164 8.00 2.93 23.19
C LEU C 164 9.32 3.69 23.42
N ILE C 165 9.85 4.27 22.36
CA ILE C 165 11.17 4.89 22.43
C ILE C 165 11.30 6.06 23.42
N PRO C 166 10.32 6.99 23.46
CA PRO C 166 10.55 8.10 24.40
C PRO C 166 10.73 7.61 25.85
N PHE C 167 9.94 6.63 26.29
CA PHE C 167 10.14 6.13 27.65
C PHE C 167 11.48 5.41 27.78
N LEU C 168 11.77 4.53 26.85
CA LEU C 168 13.02 3.78 26.92
C LEU C 168 14.22 4.69 26.86
N GLU C 169 14.13 5.74 26.06
CA GLU C 169 15.22 6.70 26.03
C GLU C 169 15.37 7.38 27.39
N TYR C 170 14.23 7.71 28.01
CA TYR C 170 14.17 8.39 29.30
C TYR C 170 14.95 7.63 30.38
N LEU C 171 14.70 6.32 30.48
CA LEU C 171 15.40 5.50 31.46
C LEU C 171 16.91 5.66 31.38
N ALA C 172 17.41 5.72 30.16
CA ALA C 172 18.84 5.69 29.95
C ALA C 172 19.48 7.01 30.31
N THR C 173 18.79 8.11 30.03
CA THR C 173 19.39 9.43 30.26
C THR C 173 19.05 9.96 31.63
N GLN C 174 18.38 9.11 32.40
CA GLN C 174 17.91 9.48 33.71
C GLN C 174 18.91 8.82 34.65
N GLN C 175 19.84 8.07 34.05
CA GLN C 175 20.92 7.43 34.79
C GLN C 175 20.42 6.60 35.98
N THR C 176 19.30 5.91 35.77
CA THR C 176 18.62 5.17 36.84
C THR C 176 19.45 3.99 37.29
N LYS C 177 19.54 3.72 38.59
CA LYS C 177 20.34 2.55 38.97
C LYS C 177 19.42 1.35 39.27
N ASP C 178 18.13 1.59 39.25
CA ASP C 178 17.18 0.49 39.28
C ASP C 178 15.94 0.94 38.50
N VAL C 179 15.52 0.01 37.66
CA VAL C 179 14.54 0.20 36.61
C VAL C 179 13.17 -0.29 37.05
N ARG C 180 13.20 -1.20 38.00
CA ARG C 180 11.97 -1.76 38.54
C ARG C 180 11.09 -0.71 39.26
N PRO C 181 11.67 0.18 40.11
CA PRO C 181 10.79 1.16 40.78
C PRO C 181 10.09 2.12 39.83
N ILE C 182 10.74 2.46 38.71
CA ILE C 182 10.14 3.34 37.71
C ILE C 182 9.05 2.58 36.97
N LEU C 183 9.31 1.30 36.78
CA LEU C 183 8.34 0.46 36.10
C LEU C 183 7.18 0.17 37.03
N ASN C 184 7.46 0.17 38.33
CA ASN C 184 6.40 -0.12 39.28
C ASN C 184 5.52 1.10 39.55
N SER C 185 5.99 2.26 39.12
CA SER C 185 5.30 3.52 39.39
C SER C 185 4.19 3.85 38.39
N PHE C 186 3.90 2.93 37.48
CA PHE C 186 2.80 3.13 36.54
C PHE C 186 1.50 2.55 37.07
N GLU C 187 0.39 3.21 36.75
CA GLU C 187 -0.92 2.73 37.16
C GLU C 187 -1.36 1.56 36.27
N ASP C 188 -1.00 1.58 35.00
CA ASP C 188 -1.23 0.44 34.11
C ASP C 188 -0.18 0.39 32.99
N LYS C 189 0.68 -0.61 33.04
CA LYS C 189 1.78 -0.69 32.07
C LYS C 189 1.31 -0.99 30.64
N LYS C 190 0.07 -1.45 30.47
CA LYS C 190 -0.44 -1.66 29.12
C LYS C 190 -0.67 -0.31 28.46
N ASN C 191 -0.60 0.75 29.26
CA ASN C 191 -0.76 2.09 28.74
C ASN C 191 0.48 2.94 29.01
N LEU C 192 1.63 2.27 29.01
CA LEU C 192 2.91 2.87 29.39
C LEU C 192 3.24 4.09 28.52
N ALA C 193 3.12 3.96 27.21
CA ALA C 193 3.51 5.04 26.32
C ALA C 193 2.73 6.31 26.62
N GLU C 194 1.41 6.16 26.86
CA GLU C 194 0.53 7.31 27.05
C GLU C 194 0.58 7.85 28.47
N GLU C 195 0.67 6.96 29.45
CA GLU C 195 0.87 7.43 30.80
C GLU C 195 2.19 8.17 30.87
N PHE C 196 3.11 7.88 29.93
CA PHE C 196 4.41 8.53 30.00
C PHE C 196 4.43 9.98 29.55
N ASP C 197 3.63 10.38 28.57
CA ASP C 197 3.58 11.84 28.36
C ASP C 197 2.25 12.32 28.89
N HIS C 198 2.29 12.73 30.16
CA HIS C 198 1.21 12.55 31.11
C HIS C 198 -0.17 12.86 30.56
N ASN D 6 -21.14 12.75 -1.18
CA ASN D 6 -22.43 12.48 -1.78
C ASN D 6 -22.97 13.74 -2.44
N SER D 7 -22.74 13.88 -3.74
CA SER D 7 -21.80 13.06 -4.47
C SER D 7 -20.47 13.76 -4.82
N MET D 8 -19.67 14.11 -3.81
CA MET D 8 -18.33 14.68 -4.05
C MET D 8 -17.31 13.54 -4.06
N PHE D 9 -17.81 12.36 -3.70
CA PHE D 9 -17.04 11.14 -3.53
C PHE D 9 -16.39 10.55 -4.77
N THR D 10 -15.10 10.26 -4.72
CA THR D 10 -14.40 9.76 -5.89
C THR D 10 -13.77 8.42 -5.61
N TYR D 11 -13.84 7.54 -6.61
CA TYR D 11 -13.17 6.25 -6.63
C TYR D 11 -11.66 6.44 -6.59
N PHE D 12 -11.16 7.53 -7.20
CA PHE D 12 -9.71 7.64 -7.36
C PHE D 12 -8.94 8.44 -6.34
N GLN D 13 -8.91 7.97 -5.11
CA GLN D 13 -8.10 8.69 -4.18
C GLN D 13 -7.01 7.73 -3.77
N GLU D 14 -5.88 8.29 -3.36
CA GLU D 14 -4.70 7.49 -3.09
C GLU D 14 -4.82 6.71 -1.78
N PRO D 15 -4.55 5.40 -1.82
CA PRO D 15 -4.65 4.59 -0.60
C PRO D 15 -3.49 4.93 0.32
N PRO D 16 -3.68 4.92 1.65
CA PRO D 16 -4.78 4.39 2.49
C PRO D 16 -5.96 5.35 2.67
N PHE D 17 -6.07 6.34 1.78
CA PHE D 17 -7.18 7.32 1.68
C PHE D 17 -7.21 8.37 2.78
N PRO D 18 -7.67 9.59 2.44
CA PRO D 18 -7.57 10.72 3.38
C PRO D 18 -8.51 10.60 4.59
N ASP D 19 -8.62 11.66 5.37
CA ASP D 19 -9.48 11.65 6.56
C ASP D 19 -10.94 11.75 6.17
N LEU D 20 -11.78 11.06 6.92
CA LEU D 20 -13.20 11.04 6.59
C LEU D 20 -13.90 12.36 6.98
N LEU D 21 -13.35 13.10 7.95
CA LEU D 21 -13.99 14.33 8.41
C LEU D 21 -13.03 15.52 8.33
N PRO D 22 -13.57 16.70 8.04
CA PRO D 22 -12.78 17.94 8.17
C PRO D 22 -12.42 18.15 9.63
N PRO D 23 -11.46 19.04 9.92
CA PRO D 23 -11.14 19.29 11.34
C PRO D 23 -12.36 19.84 12.12
N PRO D 24 -12.39 19.57 13.44
CA PRO D 24 -13.47 20.04 14.31
C PRO D 24 -13.58 21.55 14.32
N PRO D 25 -14.80 22.06 14.42
CA PRO D 25 -15.05 23.52 14.41
C PRO D 25 -14.50 24.25 15.65
N PRO D 26 -14.32 25.58 15.53
CA PRO D 26 -13.83 26.32 16.70
C PRO D 26 -14.89 26.37 17.80
N PRO D 27 -14.45 26.52 19.08
CA PRO D 27 -15.14 26.63 20.37
C PRO D 27 -16.65 26.85 20.42
N PRO D 28 -17.22 27.90 19.79
CA PRO D 28 -18.65 27.96 20.14
C PRO D 28 -19.56 27.02 19.35
N TYR D 29 -19.02 26.32 18.34
CA TYR D 29 -19.76 25.38 17.50
C TYR D 29 -19.30 23.94 17.79
N GLN D 30 -18.33 23.81 18.69
CA GLN D 30 -17.76 22.53 19.12
C GLN D 30 -18.57 21.76 20.16
N ARG D 31 -18.61 20.45 20.02
CA ARG D 31 -19.19 19.56 21.01
C ARG D 31 -18.10 18.78 21.77
N PRO D 32 -18.38 18.35 23.01
CA PRO D 32 -17.39 17.61 23.78
C PRO D 32 -17.05 16.21 23.24
N LEU D 33 -18.01 15.58 22.58
CA LEU D 33 -17.82 14.23 22.09
C LEU D 33 -18.33 14.07 20.68
N THR D 34 -17.87 12.99 20.06
CA THR D 34 -18.33 12.60 18.74
C THR D 34 -19.10 11.28 18.86
N LEU D 35 -20.29 11.24 18.28
CA LEU D 35 -21.14 10.05 18.30
C LEU D 35 -21.30 9.46 16.89
N VAL D 36 -20.82 8.25 16.66
CA VAL D 36 -20.95 7.63 15.34
C VAL D 36 -22.05 6.57 15.39
N ILE D 37 -23.08 6.70 14.55
CA ILE D 37 -24.19 5.73 14.53
C ILE D 37 -24.41 5.18 13.13
N THR D 38 -24.94 3.97 13.07
CA THR D 38 -25.25 3.37 11.80
C THR D 38 -26.69 3.75 11.42
N LEU D 39 -27.09 3.37 10.20
CA LEU D 39 -28.39 3.76 9.64
C LEU D 39 -29.41 2.61 9.67
N GLU D 40 -29.19 1.60 8.84
CA GLU D 40 -30.13 0.46 8.78
C GLU D 40 -30.12 -0.42 10.04
N ASP D 41 -31.31 -0.86 10.43
CA ASP D 41 -31.51 -1.70 11.61
C ASP D 41 -31.13 -0.92 12.86
N PHE D 42 -31.07 0.39 12.73
CA PHE D 42 -30.86 1.21 13.91
C PHE D 42 -31.79 2.40 13.91
N LEU D 43 -31.77 3.19 12.84
CA LEU D 43 -32.66 4.37 12.76
C LEU D 43 -33.84 4.08 11.86
N VAL D 44 -33.63 3.23 10.86
CA VAL D 44 -34.68 2.89 9.91
C VAL D 44 -34.76 1.38 9.69
N HIS D 45 -35.87 0.94 9.13
CA HIS D 45 -36.09 -0.46 8.79
C HIS D 45 -36.74 -0.46 7.43
N SER D 46 -36.23 -1.34 6.58
CA SER D 46 -36.60 -1.45 5.17
C SER D 46 -37.26 -2.82 4.82
N GLU D 47 -38.35 -2.77 4.05
CA GLU D 47 -39.22 -3.93 3.84
C GLU D 47 -39.92 -3.91 2.49
N TRP D 48 -40.28 -5.07 1.92
CA TRP D 48 -41.12 -5.05 0.73
C TRP D 48 -42.40 -5.86 1.01
N SER D 49 -43.53 -5.31 0.59
CA SER D 49 -44.82 -5.99 0.62
C SER D 49 -45.42 -5.87 -0.76
N GLN D 50 -46.38 -6.73 -1.09
CA GLN D 50 -47.04 -6.65 -2.39
C GLN D 50 -48.10 -5.57 -2.37
N LYS D 51 -48.52 -5.21 -1.16
CA LYS D 51 -49.62 -4.30 -0.95
C LYS D 51 -49.14 -2.85 -1.11
N HIS D 52 -48.05 -2.52 -0.40
CA HIS D 52 -47.54 -1.15 -0.32
C HIS D 52 -46.26 -0.95 -1.13
N GLY D 53 -45.67 -2.05 -1.58
CA GLY D 53 -44.44 -1.91 -2.33
C GLY D 53 -43.28 -1.62 -1.40
N TRP D 54 -42.32 -0.85 -1.90
CA TRP D 54 -41.05 -0.65 -1.20
C TRP D 54 -41.30 0.41 -0.15
N ARG D 55 -41.49 -0.03 1.10
CA ARG D 55 -41.73 0.91 2.18
C ARG D 55 -40.61 0.97 3.22
N THR D 56 -40.48 2.13 3.84
CA THR D 56 -39.48 2.40 4.85
C THR D 56 -40.15 2.88 6.12
N ALA D 57 -39.64 2.42 7.25
CA ALA D 57 -40.15 2.84 8.55
C ALA D 57 -39.04 3.49 9.34
N LYS D 58 -39.36 4.58 10.03
CA LYS D 58 -38.44 5.24 10.95
C LYS D 58 -38.68 4.75 12.39
N ARG D 59 -37.62 4.43 13.11
CA ARG D 59 -37.77 3.92 14.46
C ARG D 59 -38.39 4.95 15.44
N PRO D 60 -39.24 4.48 16.37
CA PRO D 60 -39.71 5.38 17.42
C PRO D 60 -38.59 5.95 18.27
N GLY D 61 -38.56 7.28 18.41
CA GLY D 61 -37.54 7.96 19.18
C GLY D 61 -36.36 8.41 18.34
N ALA D 62 -36.39 8.13 17.05
CA ALA D 62 -35.30 8.55 16.17
C ALA D 62 -35.12 10.08 16.17
N ASP D 63 -36.21 10.83 15.99
CA ASP D 63 -36.11 12.29 15.96
C ASP D 63 -35.55 12.84 17.28
N TYR D 64 -36.10 12.37 18.39
CA TYR D 64 -35.67 12.87 19.71
C TYR D 64 -34.22 12.50 20.00
N PHE D 65 -33.84 11.29 19.64
CA PHE D 65 -32.44 10.88 19.78
C PHE D 65 -31.49 11.90 19.11
N LEU D 66 -31.69 12.14 17.82
CA LEU D 66 -30.84 13.04 17.03
C LEU D 66 -30.94 14.49 17.51
N GLY D 67 -32.16 14.99 17.67
CA GLY D 67 -32.32 16.37 18.08
C GLY D 67 -31.70 16.62 19.44
N TYR D 68 -32.02 15.75 20.39
CA TYR D 68 -31.60 15.98 21.78
C TYR D 68 -30.09 15.78 21.92
N LEU D 69 -29.56 14.70 21.37
CA LEU D 69 -28.15 14.43 21.61
C LEU D 69 -27.22 15.37 20.87
N SER D 70 -27.76 16.03 19.82
CA SER D 70 -26.96 16.95 19.01
C SER D 70 -26.47 18.13 19.85
N GLN D 71 -27.02 18.24 21.06
CA GLN D 71 -26.64 19.29 22.00
C GLN D 71 -25.40 18.92 22.75
N TYR D 72 -25.06 17.63 22.72
CA TYR D 72 -23.94 17.12 23.47
C TYR D 72 -22.88 16.45 22.60
N TYR D 73 -23.30 15.98 21.43
CA TYR D 73 -22.45 15.22 20.53
C TYR D 73 -22.41 15.83 19.14
N GLU D 74 -21.25 15.75 18.50
CA GLU D 74 -21.16 15.91 17.05
C GLU D 74 -21.62 14.60 16.43
N ILE D 75 -22.77 14.60 15.75
CA ILE D 75 -23.31 13.31 15.30
C ILE D 75 -22.89 12.97 13.88
N VAL D 76 -22.24 11.82 13.73
CA VAL D 76 -21.87 11.28 12.44
C VAL D 76 -22.71 10.03 12.07
N LEU D 77 -23.48 10.13 10.98
CA LEU D 77 -24.27 9.02 10.48
C LEU D 77 -23.46 8.22 9.46
N PHE D 78 -22.92 7.10 9.92
CA PHE D 78 -21.98 6.29 9.16
C PHE D 78 -22.76 5.05 8.74
N SER D 79 -23.34 5.06 7.54
CA SER D 79 -24.17 3.94 7.09
C SER D 79 -23.31 2.70 6.81
N SER D 80 -23.87 1.52 7.03
CA SER D 80 -23.20 0.28 6.67
C SER D 80 -23.54 -0.11 5.21
N ASN D 81 -24.38 0.69 4.57
CA ASN D 81 -24.84 0.39 3.23
C ASN D 81 -24.21 1.31 2.21
N TYR D 82 -24.16 0.88 0.95
CA TYR D 82 -23.66 1.72 -0.13
C TYR D 82 -24.59 2.92 -0.35
N MET D 83 -24.11 3.97 -1.03
CA MET D 83 -24.86 5.22 -1.15
C MET D 83 -26.23 5.10 -1.80
N MET D 84 -26.31 4.36 -2.89
CA MET D 84 -27.56 4.23 -3.63
C MET D 84 -28.69 3.76 -2.74
N TYR D 85 -28.44 2.68 -2.02
CA TYR D 85 -29.42 2.08 -1.13
C TYR D 85 -29.63 2.97 0.07
N SER D 86 -28.55 3.51 0.63
CA SER D 86 -28.66 4.40 1.79
C SER D 86 -29.50 5.61 1.54
N ASP D 87 -29.31 6.21 0.37
CA ASP D 87 -30.04 7.41 0.05
C ASP D 87 -31.54 7.11 0.08
N LYS D 88 -31.92 5.93 -0.38
CA LYS D 88 -33.33 5.57 -0.44
C LYS D 88 -33.92 5.29 0.93
N ILE D 89 -33.23 4.55 1.80
CA ILE D 89 -33.83 4.21 3.10
C ILE D 89 -33.61 5.29 4.16
N ALA D 90 -32.83 6.33 3.81
CA ALA D 90 -32.62 7.45 4.71
C ALA D 90 -33.82 8.40 4.62
N GLU D 91 -34.65 8.19 3.59
CA GLU D 91 -35.87 8.95 3.30
C GLU D 91 -36.48 9.80 4.41
N LYS D 92 -37.09 9.06 5.34
CA LYS D 92 -37.94 9.58 6.39
C LYS D 92 -37.17 10.32 7.45
N LEU D 93 -35.85 10.37 7.30
CA LEU D 93 -35.00 11.13 8.19
C LEU D 93 -34.76 12.54 7.69
N ASP D 94 -35.31 12.90 6.52
CA ASP D 94 -34.98 14.20 5.93
C ASP D 94 -35.37 15.40 6.79
N PRO D 95 -36.57 15.40 7.37
CA PRO D 95 -36.84 16.62 8.16
C PRO D 95 -35.97 16.76 9.43
N ILE D 96 -35.39 15.65 9.87
CA ILE D 96 -34.54 15.63 11.06
C ILE D 96 -33.05 15.71 10.72
N HIS D 97 -32.70 15.43 9.47
CA HIS D 97 -31.31 15.18 9.05
C HIS D 97 -30.35 16.35 9.32
N ALA D 98 -30.89 17.55 9.48
CA ALA D 98 -30.10 18.73 9.83
C ALA D 98 -29.33 18.61 11.16
N PHE D 99 -29.72 17.71 12.06
CA PHE D 99 -29.03 17.54 13.35
C PHE D 99 -27.81 16.61 13.23
N VAL D 100 -27.73 15.92 12.10
CA VAL D 100 -26.56 15.12 11.78
C VAL D 100 -25.51 16.07 11.16
N SER D 101 -24.27 15.96 11.60
CA SER D 101 -23.20 16.83 11.13
C SER D 101 -22.51 16.31 9.87
N TYR D 102 -22.34 15.00 9.75
CA TYR D 102 -21.64 14.41 8.60
C TYR D 102 -22.26 13.07 8.22
N ASN D 103 -22.31 12.79 6.92
CA ASN D 103 -22.77 11.50 6.48
C ASN D 103 -21.64 10.70 5.84
N LEU D 104 -21.54 9.44 6.21
CA LEU D 104 -20.55 8.56 5.59
C LEU D 104 -21.22 7.28 5.21
N PHE D 105 -20.66 6.54 4.26
CA PHE D 105 -21.33 5.32 3.81
C PHE D 105 -20.35 4.15 3.74
N LYS D 106 -20.82 3.01 3.25
CA LYS D 106 -19.98 1.83 3.15
C LYS D 106 -18.78 2.09 2.25
N GLU D 107 -18.92 2.99 1.29
CA GLU D 107 -17.78 3.43 0.48
C GLU D 107 -16.62 3.96 1.30
N HIS D 108 -16.89 4.32 2.55
CA HIS D 108 -15.86 4.92 3.39
C HIS D 108 -15.26 3.95 4.37
N CYS D 109 -15.78 2.71 4.39
CA CYS D 109 -15.21 1.68 5.23
C CYS D 109 -13.85 1.24 4.70
N VAL D 110 -13.08 0.61 5.57
CA VAL D 110 -11.85 -0.01 5.11
C VAL D 110 -12.19 -1.46 4.92
N TYR D 111 -11.58 -2.04 3.90
CA TYR D 111 -11.76 -3.46 3.56
C TYR D 111 -10.53 -4.23 4.03
N LYS D 112 -10.72 -5.13 5.00
CA LYS D 112 -9.61 -5.96 5.39
C LYS D 112 -10.12 -7.33 5.76
N ASP D 113 -9.57 -8.35 5.08
CA ASP D 113 -9.90 -9.74 5.36
C ASP D 113 -11.38 -10.05 5.22
N GLY D 114 -11.99 -9.51 4.16
CA GLY D 114 -13.38 -9.80 3.85
C GLY D 114 -14.41 -9.10 4.73
N VAL D 115 -13.97 -8.12 5.50
CA VAL D 115 -14.86 -7.37 6.39
C VAL D 115 -14.81 -5.90 6.08
N HIS D 116 -15.98 -5.27 6.06
CA HIS D 116 -16.05 -3.84 5.89
C HIS D 116 -16.09 -3.16 7.25
N ILE D 117 -15.03 -2.43 7.54
CA ILE D 117 -14.83 -1.88 8.87
C ILE D 117 -14.99 -0.36 8.92
N LYS D 118 -15.70 0.15 9.92
CA LYS D 118 -15.73 1.60 10.17
C LYS D 118 -14.52 1.97 11.02
N ASP D 119 -13.45 2.42 10.37
CA ASP D 119 -12.21 2.72 11.06
C ASP D 119 -12.21 4.12 11.66
N LEU D 120 -12.45 4.17 12.97
CA LEU D 120 -12.52 5.41 13.73
C LEU D 120 -11.22 6.22 13.69
N SER D 121 -10.11 5.58 13.32
CA SER D 121 -8.83 6.30 13.33
C SER D 121 -8.75 7.28 12.17
N LYS D 122 -9.65 7.10 11.20
CA LYS D 122 -9.68 7.97 10.04
C LYS D 122 -10.64 9.15 10.16
N LEU D 123 -11.27 9.29 11.33
CA LEU D 123 -12.30 10.32 11.55
C LEU D 123 -11.69 11.68 11.92
N ASN D 124 -10.37 11.73 12.10
CA ASN D 124 -9.70 12.97 12.49
C ASN D 124 -10.29 13.49 13.81
N ARG D 125 -10.50 12.56 14.73
CA ARG D 125 -11.03 12.86 16.04
C ARG D 125 -10.25 12.10 17.11
N ASP D 126 -10.06 12.75 18.27
CA ASP D 126 -9.41 12.13 19.43
C ASP D 126 -10.23 10.93 19.88
N LEU D 127 -9.63 9.74 19.79
CA LEU D 127 -10.36 8.51 20.05
C LEU D 127 -10.81 8.31 21.49
N SER D 128 -10.35 9.17 22.39
CA SER D 128 -10.86 9.11 23.75
C SER D 128 -12.20 9.83 23.85
N LYS D 129 -12.58 10.49 22.75
CA LYS D 129 -13.71 11.39 22.75
C LYS D 129 -14.74 10.94 21.71
N VAL D 130 -14.70 9.65 21.36
CA VAL D 130 -15.55 9.12 20.30
C VAL D 130 -16.31 7.91 20.73
N ILE D 131 -17.61 7.90 20.48
CA ILE D 131 -18.42 6.73 20.72
C ILE D 131 -19.07 6.24 19.44
N ILE D 132 -19.03 4.93 19.22
CA ILE D 132 -19.75 4.33 18.10
C ILE D 132 -20.81 3.36 18.61
N ILE D 133 -22.01 3.47 18.06
CA ILE D 133 -23.09 2.56 18.35
C ILE D 133 -23.39 1.81 17.07
N ASP D 134 -23.37 0.48 17.12
CA ASP D 134 -23.58 -0.28 15.88
C ASP D 134 -24.19 -1.65 16.15
N THR D 135 -24.73 -2.25 15.11
CA THR D 135 -25.48 -3.49 15.23
C THR D 135 -24.72 -4.72 14.73
N ASP D 136 -23.61 -4.50 14.02
CA ASP D 136 -22.73 -5.59 13.61
C ASP D 136 -21.36 -5.32 14.20
N PRO D 137 -20.90 -6.21 15.09
CA PRO D 137 -19.61 -6.03 15.77
C PRO D 137 -18.44 -5.91 14.80
N ASN D 138 -18.56 -6.46 13.60
CA ASN D 138 -17.49 -6.30 12.63
C ASN D 138 -17.27 -4.85 12.23
N SER D 139 -18.33 -4.05 12.28
CA SER D 139 -18.24 -2.67 11.85
C SER D 139 -17.30 -1.86 12.73
N TYR D 140 -17.15 -2.25 14.00
CA TYR D 140 -16.17 -1.60 14.90
C TYR D 140 -15.05 -2.53 15.37
N LYS D 141 -14.71 -3.50 14.53
CA LYS D 141 -13.66 -4.48 14.78
C LYS D 141 -12.31 -3.86 15.25
N LEU D 142 -11.97 -2.68 14.77
CA LEU D 142 -10.69 -2.05 15.06
C LEU D 142 -10.69 -1.15 16.32
N GLN D 143 -11.87 -0.74 16.78
CA GLN D 143 -11.96 0.07 17.99
C GLN D 143 -13.11 -0.36 18.87
N PRO D 144 -13.14 -1.64 19.28
CA PRO D 144 -14.27 -2.11 20.09
C PRO D 144 -14.32 -1.44 21.46
N GLU D 145 -13.22 -0.83 21.89
CA GLU D 145 -13.23 -0.15 23.17
C GLU D 145 -14.05 1.15 23.12
N ASN D 146 -14.48 1.57 21.93
CA ASN D 146 -15.31 2.76 21.77
C ASN D 146 -16.77 2.41 21.51
N ALA D 147 -17.10 1.14 21.58
CA ALA D 147 -18.35 0.70 21.00
C ALA D 147 -19.46 0.38 22.00
N ILE D 148 -20.67 0.73 21.61
CA ILE D 148 -21.84 0.28 22.32
C ILE D 148 -22.61 -0.62 21.37
N PRO D 149 -22.78 -1.91 21.73
CA PRO D 149 -23.50 -2.82 20.85
C PRO D 149 -25.01 -2.63 20.95
N MET D 150 -25.70 -2.89 19.85
CA MET D 150 -27.15 -2.83 19.81
C MET D 150 -27.63 -4.01 19.02
N GLU D 151 -28.78 -4.55 19.38
CA GLU D 151 -29.34 -5.65 18.64
C GLU D 151 -30.03 -5.07 17.41
N PRO D 152 -29.87 -5.71 16.26
CA PRO D 152 -30.42 -5.15 15.02
C PRO D 152 -31.91 -4.92 15.17
N TRP D 153 -32.38 -3.74 14.79
CA TRP D 153 -33.79 -3.41 14.97
C TRP D 153 -34.66 -4.12 13.92
N ASN D 154 -35.68 -4.80 14.42
CA ASN D 154 -36.49 -5.67 13.58
C ASN D 154 -37.72 -5.01 12.98
N GLY D 155 -37.97 -3.76 13.32
CA GLY D 155 -39.08 -3.05 12.70
C GLY D 155 -40.25 -2.85 13.62
N GLU D 156 -40.27 -3.59 14.72
CA GLU D 156 -41.36 -3.43 15.67
C GLU D 156 -41.06 -2.28 16.62
N ALA D 157 -42.09 -1.58 17.08
CA ALA D 157 -41.94 -0.42 17.96
C ALA D 157 -41.30 -0.78 19.30
N ASP D 158 -40.30 -0.01 19.68
CA ASP D 158 -39.66 -0.15 20.98
C ASP D 158 -39.25 1.23 21.49
N ASP D 159 -38.55 1.26 22.61
CA ASP D 159 -38.01 2.50 23.16
C ASP D 159 -36.51 2.37 23.41
N LYS D 160 -35.93 1.37 22.77
CA LYS D 160 -34.52 1.03 22.97
C LYS D 160 -33.60 2.23 22.76
N LEU D 161 -33.99 3.06 21.80
CA LEU D 161 -33.21 4.21 21.36
C LEU D 161 -33.11 5.26 22.48
N VAL D 162 -34.26 5.58 23.04
CA VAL D 162 -34.37 6.60 24.06
C VAL D 162 -33.65 6.22 25.37
N ARG D 163 -33.61 4.93 25.68
CA ARG D 163 -33.01 4.47 26.93
C ARG D 163 -31.48 4.63 26.97
N LEU D 164 -30.89 4.90 25.82
CA LEU D 164 -29.46 5.21 25.69
C LEU D 164 -29.15 6.67 26.03
N ILE D 165 -30.17 7.52 25.98
CA ILE D 165 -29.92 8.95 26.10
C ILE D 165 -29.36 9.35 27.49
N PRO D 166 -29.94 8.82 28.59
CA PRO D 166 -29.38 9.25 29.88
C PRO D 166 -27.87 8.96 30.07
N PHE D 167 -27.41 7.77 29.67
CA PHE D 167 -25.98 7.48 29.77
C PHE D 167 -25.16 8.37 28.84
N LEU D 168 -25.61 8.49 27.58
CA LEU D 168 -24.88 9.33 26.64
C LEU D 168 -24.85 10.79 27.10
N GLU D 169 -25.95 11.26 27.69
CA GLU D 169 -25.98 12.61 28.25
C GLU D 169 -25.00 12.74 29.40
N TYR D 170 -24.93 11.70 30.23
CA TYR D 170 -24.03 11.66 31.37
C TYR D 170 -22.57 11.83 30.90
N LEU D 171 -22.18 11.07 29.91
CA LEU D 171 -20.82 11.15 29.39
C LEU D 171 -20.42 12.55 28.95
N ALA D 172 -21.36 13.24 28.32
CA ALA D 172 -21.06 14.54 27.73
C ALA D 172 -20.99 15.62 28.76
N THR D 173 -21.82 15.52 29.80
CA THR D 173 -21.89 16.54 30.86
C THR D 173 -21.00 16.23 32.06
N GLN D 174 -20.18 15.20 31.96
CA GLN D 174 -19.29 14.84 33.05
C GLN D 174 -17.85 15.14 32.63
N GLN D 175 -17.71 16.03 31.65
CA GLN D 175 -16.43 16.53 31.14
C GLN D 175 -15.36 15.42 31.15
N THR D 176 -15.79 14.24 30.70
CA THR D 176 -14.96 13.04 30.75
C THR D 176 -13.76 13.18 29.82
N LYS D 177 -12.59 12.78 30.32
CA LYS D 177 -11.36 12.96 29.55
C LYS D 177 -10.99 11.72 28.72
N ASP D 178 -11.72 10.64 28.93
CA ASP D 178 -11.55 9.42 28.16
C ASP D 178 -12.72 8.53 28.45
N VAL D 179 -13.28 8.03 27.36
CA VAL D 179 -14.58 7.44 27.37
C VAL D 179 -14.48 5.93 27.42
N ARG D 180 -13.32 5.43 26.98
CA ARG D 180 -13.09 4.00 26.92
C ARG D 180 -13.07 3.30 28.31
N PRO D 181 -12.39 3.89 29.32
CA PRO D 181 -12.41 3.22 30.62
C PRO D 181 -13.81 3.16 31.24
N ILE D 182 -14.60 4.20 30.99
CA ILE D 182 -15.97 4.24 31.48
C ILE D 182 -16.82 3.24 30.73
N LEU D 183 -16.50 3.05 29.46
CA LEU D 183 -17.23 2.07 28.66
C LEU D 183 -16.80 0.66 28.94
N ASN D 184 -15.56 0.49 29.38
CA ASN D 184 -15.05 -0.85 29.65
C ASN D 184 -15.44 -1.36 31.04
N SER D 185 -16.02 -0.48 31.85
CA SER D 185 -16.39 -0.82 33.24
C SER D 185 -17.76 -1.47 33.34
N PHE D 186 -18.39 -1.76 32.21
CA PHE D 186 -19.68 -2.44 32.28
C PHE D 186 -19.51 -3.94 32.23
N GLU D 187 -20.32 -4.61 33.04
CA GLU D 187 -20.47 -6.05 32.97
C GLU D 187 -21.48 -6.20 31.84
N ASP D 188 -21.01 -6.55 30.65
CA ASP D 188 -21.85 -6.81 29.49
C ASP D 188 -22.43 -5.47 28.96
N LYS D 189 -21.89 -4.94 27.86
CA LYS D 189 -22.36 -3.67 27.32
C LYS D 189 -23.71 -3.80 26.65
N LYS D 190 -24.12 -5.02 26.34
CA LYS D 190 -25.45 -5.25 25.75
C LYS D 190 -26.54 -4.93 26.76
N ASN D 191 -26.16 -4.68 28.01
CA ASN D 191 -27.10 -4.24 29.03
C ASN D 191 -26.73 -2.89 29.65
N LEU D 192 -26.15 -2.02 28.83
CA LEU D 192 -25.58 -0.75 29.29
C LEU D 192 -26.57 0.22 29.96
N ALA D 193 -27.71 0.43 29.30
CA ALA D 193 -28.70 1.37 29.79
C ALA D 193 -29.22 1.00 31.17
N GLU D 194 -29.54 -0.27 31.33
CA GLU D 194 -30.18 -0.75 32.55
C GLU D 194 -29.15 -0.88 33.65
N GLU D 195 -27.94 -1.26 33.29
CA GLU D 195 -26.83 -1.26 34.24
C GLU D 195 -26.52 0.14 34.76
N PHE D 196 -26.95 1.13 33.99
CA PHE D 196 -26.67 2.53 34.32
C PHE D 196 -27.63 3.04 35.40
N ASP D 197 -28.56 2.20 35.85
CA ASP D 197 -29.38 2.55 37.02
C ASP D 197 -29.01 1.57 38.14
N HIS D 198 -27.95 1.91 38.88
CA HIS D 198 -27.18 0.97 39.72
C HIS D 198 -27.84 -0.37 40.03
N PRO E 16 31.50 -16.53 20.42
CA PRO E 16 31.06 -15.32 21.14
C PRO E 16 32.05 -14.75 22.16
N PHE E 17 32.31 -13.44 21.99
CA PHE E 17 33.14 -12.58 22.84
C PHE E 17 34.15 -11.74 22.00
N PRO E 18 35.34 -11.32 22.62
CA PRO E 18 36.28 -10.63 21.70
C PRO E 18 36.77 -11.48 20.50
N ASP E 19 37.00 -12.77 20.70
CA ASP E 19 37.48 -13.65 19.63
C ASP E 19 36.45 -13.94 18.55
N LEU E 20 36.90 -14.04 17.30
CA LEU E 20 36.04 -14.36 16.17
C LEU E 20 35.44 -15.75 16.05
N LEU E 21 36.21 -16.75 16.43
CA LEU E 21 35.83 -18.15 16.27
C LEU E 21 35.68 -18.87 17.61
N PRO E 22 34.72 -19.79 17.70
CA PRO E 22 34.62 -20.71 18.83
C PRO E 22 35.87 -21.59 18.88
N PRO E 23 36.13 -22.25 20.02
CA PRO E 23 37.31 -23.12 20.14
C PRO E 23 37.28 -24.26 19.13
N PRO E 24 38.46 -24.76 18.75
CA PRO E 24 38.50 -25.88 17.79
C PRO E 24 37.76 -27.10 18.33
N PRO E 25 37.16 -27.89 17.43
CA PRO E 25 36.48 -29.09 17.91
C PRO E 25 37.46 -30.13 18.47
N PRO E 26 36.94 -31.07 19.27
CA PRO E 26 37.81 -32.16 19.75
C PRO E 26 38.13 -33.16 18.63
N PRO E 27 39.26 -33.88 18.77
CA PRO E 27 39.49 -34.98 17.82
C PRO E 27 38.38 -36.03 18.03
N PRO E 28 38.05 -36.84 17.02
CA PRO E 28 38.64 -37.03 15.69
C PRO E 28 38.25 -35.98 14.66
N TYR E 29 37.54 -34.96 15.11
CA TYR E 29 36.94 -33.97 14.21
C TYR E 29 37.85 -32.75 14.02
N GLN E 30 38.99 -32.76 14.69
CA GLN E 30 40.00 -31.72 14.57
C GLN E 30 40.92 -31.89 13.35
N ARG E 31 41.23 -30.78 12.69
CA ARG E 31 42.23 -30.79 11.62
C ARG E 31 43.56 -30.22 12.12
N PRO E 32 44.69 -30.61 11.47
CA PRO E 32 46.02 -30.17 11.90
C PRO E 32 46.27 -28.67 11.76
N LEU E 33 45.63 -28.08 10.75
CA LEU E 33 45.88 -26.69 10.40
C LEU E 33 44.58 -25.96 10.08
N THR E 34 44.66 -24.63 10.11
CA THR E 34 43.52 -23.79 9.74
C THR E 34 43.88 -23.04 8.46
N LEU E 35 42.99 -23.10 7.49
CA LEU E 35 43.19 -22.41 6.23
C LEU E 35 42.20 -21.26 6.09
N VAL E 36 42.72 -20.05 6.02
CA VAL E 36 41.90 -18.86 5.90
C VAL E 36 41.98 -18.34 4.48
N ILE E 37 40.84 -18.26 3.80
CA ILE E 37 40.85 -17.79 2.43
C ILE E 37 39.83 -16.68 2.20
N THR E 38 40.11 -15.85 1.20
CA THR E 38 39.23 -14.76 0.82
C THR E 38 38.23 -15.30 -0.17
N LEU E 39 37.25 -14.46 -0.54
CA LEU E 39 36.15 -14.87 -1.42
C LEU E 39 36.23 -14.27 -2.84
N GLU E 40 36.00 -12.96 -2.98
CA GLU E 40 35.97 -12.34 -4.30
C GLU E 40 37.36 -12.34 -4.93
N ASP E 41 37.41 -12.58 -6.24
CA ASP E 41 38.66 -12.61 -6.99
C ASP E 41 39.59 -13.75 -6.54
N PHE E 42 39.04 -14.74 -5.86
CA PHE E 42 39.78 -15.94 -5.52
C PHE E 42 38.89 -17.15 -5.81
N LEU E 43 37.68 -17.19 -5.24
CA LEU E 43 36.75 -18.30 -5.49
C LEU E 43 35.65 -17.94 -6.46
N VAL E 44 35.25 -16.68 -6.48
CA VAL E 44 34.15 -16.27 -7.36
C VAL E 44 34.52 -14.97 -8.07
N HIS E 45 33.75 -14.64 -9.09
CA HIS E 45 33.93 -13.42 -9.88
C HIS E 45 32.55 -12.92 -10.20
N SER E 46 32.32 -11.63 -10.05
CA SER E 46 30.99 -11.10 -10.25
C SER E 46 30.97 -10.02 -11.31
N GLU E 47 29.94 -10.06 -12.15
CA GLU E 47 29.88 -9.21 -13.33
C GLU E 47 28.44 -8.85 -13.63
N TRP E 48 28.25 -7.70 -14.26
CA TRP E 48 26.91 -7.35 -14.68
C TRP E 48 26.90 -7.18 -16.18
N SER E 49 25.88 -7.73 -16.80
CA SER E 49 25.72 -7.58 -18.23
C SER E 49 24.28 -7.17 -18.49
N GLN E 50 24.03 -6.61 -19.66
CA GLN E 50 22.70 -6.20 -20.06
C GLN E 50 21.86 -7.43 -20.45
N LYS E 51 22.53 -8.52 -20.83
CA LYS E 51 21.82 -9.72 -21.29
C LYS E 51 21.45 -10.63 -20.13
N HIS E 52 22.43 -10.99 -19.32
CA HIS E 52 22.21 -12.01 -18.30
C HIS E 52 22.07 -11.45 -16.89
N GLY E 53 21.96 -10.13 -16.80
CA GLY E 53 21.79 -9.48 -15.52
C GLY E 53 23.00 -9.64 -14.62
N TRP E 54 22.76 -9.71 -13.32
CA TRP E 54 23.86 -9.86 -12.41
C TRP E 54 24.24 -11.32 -12.34
N ARG E 55 25.36 -11.68 -12.95
CA ARG E 55 25.79 -13.07 -12.91
C ARG E 55 27.10 -13.17 -12.13
N THR E 56 27.30 -14.31 -11.48
CA THR E 56 28.52 -14.57 -10.73
C THR E 56 29.07 -15.88 -11.25
N ALA E 57 30.39 -15.97 -11.32
CA ALA E 57 31.01 -17.19 -11.82
C ALA E 57 31.93 -17.81 -10.77
N LYS E 58 31.90 -19.12 -10.69
CA LYS E 58 32.78 -19.86 -9.81
C LYS E 58 34.04 -20.27 -10.52
N ARG E 59 35.17 -20.09 -9.84
CA ARG E 59 36.43 -20.46 -10.43
C ARG E 59 36.53 -21.98 -10.68
N PRO E 60 37.11 -22.36 -11.83
CA PRO E 60 37.36 -23.78 -12.06
C PRO E 60 38.27 -24.28 -10.96
N GLY E 61 37.90 -25.40 -10.34
CA GLY E 61 38.64 -25.96 -9.22
C GLY E 61 38.18 -25.54 -7.82
N ALA E 62 37.18 -24.67 -7.73
CA ALA E 62 36.65 -24.24 -6.44
C ALA E 62 36.07 -25.38 -5.60
N ASP E 63 35.18 -26.17 -6.19
CA ASP E 63 34.55 -27.24 -5.44
C ASP E 63 35.62 -28.24 -4.97
N TYR E 64 36.46 -28.68 -5.90
CA TYR E 64 37.52 -29.63 -5.58
C TYR E 64 38.52 -29.05 -4.60
N PHE E 65 38.87 -27.78 -4.78
CA PHE E 65 39.74 -27.09 -3.83
C PHE E 65 39.16 -27.22 -2.43
N LEU E 66 37.93 -26.76 -2.24
CA LEU E 66 37.28 -26.77 -0.92
C LEU E 66 37.06 -28.20 -0.41
N GLY E 67 36.49 -29.05 -1.25
CA GLY E 67 36.22 -30.41 -0.81
C GLY E 67 37.49 -31.16 -0.43
N TYR E 68 38.50 -31.11 -1.30
CA TYR E 68 39.71 -31.88 -1.08
C TYR E 68 40.50 -31.41 0.13
N LEU E 69 40.68 -30.10 0.28
CA LEU E 69 41.50 -29.56 1.37
C LEU E 69 40.83 -29.60 2.73
N SER E 70 39.51 -29.77 2.74
CA SER E 70 38.76 -29.81 3.99
C SER E 70 39.16 -31.03 4.79
N GLN E 71 39.86 -31.95 4.14
CA GLN E 71 40.31 -33.18 4.80
C GLN E 71 41.60 -32.97 5.56
N TYR E 72 42.28 -31.88 5.28
CA TYR E 72 43.57 -31.58 5.91
C TYR E 72 43.49 -30.29 6.70
N TYR E 73 42.54 -29.41 6.35
CA TYR E 73 42.43 -28.09 6.96
C TYR E 73 41.07 -27.80 7.55
N GLU E 74 41.04 -27.07 8.65
CA GLU E 74 39.83 -26.39 9.04
C GLU E 74 39.69 -25.15 8.15
N ILE E 75 38.69 -25.11 7.28
CA ILE E 75 38.61 -24.00 6.33
C ILE E 75 37.74 -22.83 6.78
N VAL E 76 38.37 -21.66 6.87
CA VAL E 76 37.69 -20.42 7.23
C VAL E 76 37.58 -19.48 6.01
N LEU E 77 36.36 -19.21 5.57
CA LEU E 77 36.12 -18.33 4.45
C LEU E 77 35.93 -16.93 5.00
N PHE E 78 36.98 -16.13 4.92
CA PHE E 78 37.02 -14.78 5.47
C PHE E 78 36.97 -13.78 4.29
N SER E 79 35.76 -13.36 3.97
CA SER E 79 35.53 -12.45 2.86
C SER E 79 36.04 -11.06 3.17
N SER E 80 36.54 -10.41 2.13
CA SER E 80 36.97 -9.02 2.19
C SER E 80 35.79 -8.07 1.97
N ASN E 81 34.61 -8.60 1.69
CA ASN E 81 33.47 -7.76 1.38
C ASN E 81 32.46 -7.73 2.56
N TYR E 82 31.62 -6.71 2.60
CA TYR E 82 30.62 -6.64 3.65
C TYR E 82 29.65 -7.81 3.46
N MET E 83 28.95 -8.18 4.50
CA MET E 83 28.17 -9.41 4.49
C MET E 83 27.14 -9.45 3.37
N MET E 84 26.45 -8.34 3.16
CA MET E 84 25.35 -8.25 2.19
C MET E 84 25.75 -8.73 0.79
N TYR E 85 26.81 -8.11 0.27
CA TYR E 85 27.39 -8.37 -1.03
C TYR E 85 28.07 -9.74 -1.05
N SER E 86 28.76 -10.07 0.04
CA SER E 86 29.38 -11.39 0.15
C SER E 86 28.37 -12.52 -0.03
N ASP E 87 27.21 -12.38 0.62
CA ASP E 87 26.19 -13.42 0.55
C ASP E 87 25.74 -13.67 -0.87
N LYS E 88 25.59 -12.59 -1.62
CA LYS E 88 25.08 -12.71 -2.96
C LYS E 88 26.14 -13.34 -3.88
N ILE E 89 27.40 -12.94 -3.74
CA ILE E 89 28.33 -13.45 -4.71
C ILE E 89 28.84 -14.82 -4.28
N ALA E 90 28.54 -15.23 -3.05
CA ALA E 90 28.91 -16.58 -2.60
C ALA E 90 27.88 -17.63 -3.01
N GLU E 91 26.88 -17.25 -3.81
CA GLU E 91 25.79 -18.19 -4.09
C GLU E 91 26.18 -19.48 -4.78
N LYS E 92 27.10 -19.42 -5.73
CA LYS E 92 27.37 -20.64 -6.49
C LYS E 92 28.21 -21.60 -5.63
N LEU E 93 28.59 -21.13 -4.43
CA LEU E 93 29.34 -21.98 -3.52
C LEU E 93 28.44 -22.84 -2.62
N ASP E 94 27.12 -22.71 -2.79
CA ASP E 94 26.14 -23.36 -1.89
C ASP E 94 26.21 -24.90 -1.76
N PRO E 95 26.28 -25.63 -2.87
CA PRO E 95 26.34 -27.08 -2.61
C PRO E 95 27.66 -27.53 -2.01
N ILE E 96 28.70 -26.71 -2.15
CA ILE E 96 30.03 -27.04 -1.64
C ILE E 96 30.29 -26.41 -0.27
N HIS E 97 29.54 -25.38 0.08
CA HIS E 97 29.86 -24.60 1.28
C HIS E 97 29.93 -25.43 2.56
N ALA E 98 29.30 -26.61 2.58
CA ALA E 98 29.35 -27.49 3.76
C ALA E 98 30.76 -27.90 4.17
N PHE E 99 31.74 -27.77 3.28
CA PHE E 99 33.12 -28.12 3.60
C PHE E 99 33.83 -26.94 4.24
N VAL E 100 33.21 -25.77 4.19
CA VAL E 100 33.72 -24.61 4.90
C VAL E 100 33.20 -24.65 6.35
N SER E 101 34.09 -24.45 7.32
CA SER E 101 33.72 -24.50 8.74
C SER E 101 33.14 -23.19 9.31
N TYR E 102 33.67 -22.05 8.87
CA TYR E 102 33.25 -20.76 9.38
C TYR E 102 33.27 -19.66 8.32
N ASN E 103 32.30 -18.74 8.40
CA ASN E 103 32.27 -17.57 7.52
C ASN E 103 32.57 -16.27 8.26
N LEU E 104 33.47 -15.46 7.73
CA LEU E 104 33.71 -14.14 8.29
C LEU E 104 33.64 -13.15 7.16
N PHE E 105 33.34 -11.89 7.49
CA PHE E 105 33.13 -10.88 6.45
C PHE E 105 33.91 -9.63 6.81
N LYS E 106 33.78 -8.58 6.01
CA LYS E 106 34.56 -7.37 6.22
C LYS E 106 34.27 -6.77 7.62
N GLU E 107 33.05 -6.98 8.11
CA GLU E 107 32.65 -6.55 9.45
C GLU E 107 33.55 -7.10 10.55
N HIS E 108 34.31 -8.16 10.27
CA HIS E 108 35.13 -8.77 11.31
C HIS E 108 36.58 -8.33 11.20
N CYS E 109 36.88 -7.49 10.23
CA CYS E 109 38.21 -6.94 10.15
C CYS E 109 38.46 -5.92 11.29
N VAL E 110 39.74 -5.62 11.51
CA VAL E 110 40.10 -4.50 12.35
C VAL E 110 40.44 -3.33 11.43
N TYR E 111 40.10 -2.13 11.90
CA TYR E 111 40.40 -0.93 11.14
C TYR E 111 41.63 -0.31 11.79
N LYS E 112 42.72 -0.19 11.04
CA LYS E 112 43.93 0.46 11.54
C LYS E 112 44.59 1.30 10.45
N ASP E 113 44.85 2.58 10.75
CA ASP E 113 45.50 3.50 9.83
C ASP E 113 44.82 3.53 8.47
N GLY E 114 43.49 3.53 8.49
CA GLY E 114 42.70 3.60 7.28
C GLY E 114 42.64 2.34 6.46
N VAL E 115 43.03 1.22 7.05
CA VAL E 115 43.04 -0.03 6.32
C VAL E 115 42.23 -1.09 7.05
N HIS E 116 41.44 -1.86 6.30
CA HIS E 116 40.71 -3.00 6.87
C HIS E 116 41.57 -4.25 6.79
N ILE E 117 41.94 -4.77 7.95
CA ILE E 117 42.88 -5.88 8.06
C ILE E 117 42.23 -7.14 8.62
N LYS E 118 42.53 -8.30 8.03
CA LYS E 118 42.12 -9.58 8.60
C LYS E 118 43.12 -9.98 9.67
N ASP E 119 42.74 -9.73 10.93
CA ASP E 119 43.64 -9.91 12.06
C ASP E 119 43.58 -11.35 12.55
N LEU E 120 44.58 -12.12 12.12
CA LEU E 120 44.62 -13.54 12.44
C LEU E 120 44.71 -13.79 13.95
N SER E 121 45.17 -12.80 14.72
CA SER E 121 45.30 -13.00 16.16
C SER E 121 43.94 -13.03 16.84
N LYS E 122 42.89 -12.60 16.15
CA LYS E 122 41.54 -12.59 16.71
C LYS E 122 40.78 -13.89 16.40
N LEU E 123 41.48 -14.87 15.82
CA LEU E 123 40.83 -16.10 15.35
C LEU E 123 40.71 -17.20 16.40
N ASN E 124 41.35 -17.02 17.56
CA ASN E 124 41.34 -18.03 18.62
C ASN E 124 41.94 -19.34 18.10
N ARG E 125 43.06 -19.19 17.38
CA ARG E 125 43.83 -20.30 16.82
C ARG E 125 45.33 -20.08 17.02
N ASP E 126 46.08 -21.15 17.22
CA ASP E 126 47.53 -21.08 17.27
C ASP E 126 48.10 -20.62 15.93
N LEU E 127 48.71 -19.43 15.91
CA LEU E 127 49.18 -18.83 14.66
C LEU E 127 50.32 -19.59 14.00
N SER E 128 50.87 -20.58 14.69
CA SER E 128 51.85 -21.44 14.04
C SER E 128 51.11 -22.49 13.18
N LYS E 129 49.79 -22.51 13.28
CA LYS E 129 49.01 -23.55 12.65
C LYS E 129 48.00 -22.92 11.68
N VAL E 130 48.31 -21.71 11.20
CA VAL E 130 47.35 -20.94 10.41
C VAL E 130 47.93 -20.44 9.09
N ILE E 131 47.22 -20.68 8.01
CA ILE E 131 47.62 -20.17 6.71
C ILE E 131 46.54 -19.27 6.15
N ILE E 132 46.93 -18.12 5.62
CA ILE E 132 45.95 -17.29 4.93
C ILE E 132 46.37 -17.12 3.49
N ILE E 133 45.40 -17.25 2.59
CA ILE E 133 45.60 -16.98 1.17
C ILE E 133 44.73 -15.79 0.75
N ASP E 134 45.33 -14.75 0.18
CA ASP E 134 44.57 -13.57 -0.15
C ASP E 134 45.14 -12.79 -1.32
N THR E 135 44.33 -11.90 -1.87
CA THR E 135 44.67 -11.19 -3.10
C THR E 135 45.11 -9.74 -2.92
N ASP E 136 44.89 -9.20 -1.74
CA ASP E 136 45.37 -7.87 -1.40
C ASP E 136 46.26 -7.98 -0.17
N PRO E 137 47.53 -7.59 -0.31
CA PRO E 137 48.49 -7.70 0.80
C PRO E 137 48.09 -6.91 2.04
N ASN E 138 47.25 -5.88 1.90
CA ASN E 138 46.77 -5.15 3.08
C ASN E 138 45.93 -6.01 3.99
N SER E 139 45.25 -7.01 3.44
CA SER E 139 44.37 -7.86 4.23
C SER E 139 45.10 -8.72 5.28
N TYR E 140 46.36 -9.07 5.01
CA TYR E 140 47.19 -9.80 5.98
C TYR E 140 48.39 -8.96 6.44
N LYS E 141 48.20 -7.64 6.47
CA LYS E 141 49.22 -6.68 6.86
C LYS E 141 49.88 -6.98 8.22
N LEU E 142 49.12 -7.58 9.14
CA LEU E 142 49.58 -7.87 10.49
C LEU E 142 50.28 -9.22 10.65
N GLN E 143 50.05 -10.13 9.71
CA GLN E 143 50.67 -11.45 9.78
C GLN E 143 51.12 -11.94 8.42
N PRO E 144 52.01 -11.19 7.74
CA PRO E 144 52.45 -11.62 6.40
C PRO E 144 53.24 -12.93 6.36
N GLU E 145 53.80 -13.31 7.50
CA GLU E 145 54.58 -14.55 7.55
C GLU E 145 53.66 -15.75 7.48
N ASN E 146 52.36 -15.50 7.58
CA ASN E 146 51.35 -16.55 7.46
C ASN E 146 50.70 -16.59 6.08
N ALA E 147 51.13 -15.72 5.18
CA ALA E 147 50.36 -15.50 3.99
C ALA E 147 50.94 -16.10 2.71
N ILE E 148 50.04 -16.58 1.86
CA ILE E 148 50.32 -17.02 0.51
C ILE E 148 49.61 -16.02 -0.39
N PRO E 149 50.37 -15.30 -1.22
CA PRO E 149 49.79 -14.29 -2.12
C PRO E 149 49.22 -14.89 -3.39
N MET E 150 48.16 -14.29 -3.90
CA MET E 150 47.56 -14.69 -5.16
C MET E 150 47.18 -13.43 -5.88
N GLU E 151 47.28 -13.44 -7.20
CA GLU E 151 46.92 -12.27 -7.96
C GLU E 151 45.42 -12.29 -8.17
N PRO E 152 44.78 -11.12 -8.15
CA PRO E 152 43.32 -11.14 -8.27
C PRO E 152 42.85 -11.86 -9.51
N TRP E 153 41.90 -12.78 -9.35
CA TRP E 153 41.37 -13.53 -10.45
C TRP E 153 40.45 -12.63 -11.28
N ASN E 154 40.66 -12.59 -12.60
CA ASN E 154 39.89 -11.70 -13.45
C ASN E 154 38.66 -12.36 -14.07
N GLY E 155 38.44 -13.63 -13.77
CA GLY E 155 37.28 -14.28 -14.34
C GLY E 155 37.67 -15.30 -15.41
N GLU E 156 38.92 -15.25 -15.87
CA GLU E 156 39.34 -16.20 -16.89
C GLU E 156 39.62 -17.58 -16.32
N ALA E 157 39.34 -18.59 -17.13
CA ALA E 157 39.49 -19.99 -16.75
C ALA E 157 40.95 -20.30 -16.50
N ASP E 158 41.28 -20.87 -15.35
CA ASP E 158 42.64 -21.27 -15.08
C ASP E 158 42.65 -22.47 -14.16
N ASP E 159 43.84 -22.86 -13.69
CA ASP E 159 43.96 -23.95 -12.72
C ASP E 159 44.82 -23.55 -11.56
N LYS E 160 45.02 -22.25 -11.39
CA LYS E 160 45.91 -21.72 -10.36
C LYS E 160 45.51 -22.21 -8.98
N LEU E 161 44.22 -22.39 -8.81
CA LEU E 161 43.63 -22.82 -7.56
C LEU E 161 44.13 -24.24 -7.22
N VAL E 162 43.98 -25.13 -8.18
CA VAL E 162 44.34 -26.53 -8.01
C VAL E 162 45.85 -26.71 -7.82
N ARG E 163 46.63 -25.80 -8.41
CA ARG E 163 48.09 -25.89 -8.33
C ARG E 163 48.64 -25.62 -6.94
N LEU E 164 47.80 -25.06 -6.07
CA LEU E 164 48.18 -24.81 -4.68
C LEU E 164 48.06 -26.06 -3.80
N ILE E 165 47.30 -27.03 -4.27
CA ILE E 165 46.94 -28.16 -3.45
C ILE E 165 48.13 -29.02 -3.00
N PRO E 166 49.04 -29.37 -3.92
CA PRO E 166 50.15 -30.22 -3.45
C PRO E 166 50.97 -29.59 -2.34
N PHE E 167 51.29 -28.30 -2.43
CA PHE E 167 52.01 -27.73 -1.31
C PHE E 167 51.15 -27.71 -0.05
N LEU E 168 49.88 -27.31 -0.21
CA LEU E 168 48.99 -27.25 0.94
C LEU E 168 48.80 -28.65 1.52
N GLU E 169 48.70 -29.66 0.66
CA GLU E 169 48.59 -31.04 1.13
C GLU E 169 49.85 -31.48 1.87
N TYR E 170 51.01 -31.10 1.36
CA TYR E 170 52.27 -31.42 2.01
C TYR E 170 52.32 -30.83 3.44
N LEU E 171 51.98 -29.55 3.59
CA LEU E 171 52.04 -28.92 4.91
C LEU E 171 51.26 -29.63 6.00
N ALA E 172 50.08 -30.09 5.65
CA ALA E 172 49.18 -30.69 6.63
C ALA E 172 49.58 -32.13 6.99
N THR E 173 50.15 -32.84 6.02
CA THR E 173 50.52 -34.23 6.21
C THR E 173 51.97 -34.42 6.69
N GLN E 174 52.67 -33.33 6.96
CA GLN E 174 54.04 -33.42 7.44
C GLN E 174 54.06 -33.00 8.91
N GLN E 175 52.85 -32.96 9.47
CA GLN E 175 52.56 -32.71 10.90
C GLN E 175 53.57 -31.75 11.55
N THR E 176 53.86 -30.69 10.81
CA THR E 176 54.81 -29.65 11.21
C THR E 176 54.26 -28.87 12.40
N LYS E 177 55.12 -28.51 13.36
CA LYS E 177 54.68 -27.80 14.57
C LYS E 177 54.72 -26.27 14.40
N ASP E 178 55.16 -25.83 13.22
CA ASP E 178 55.16 -24.42 12.86
C ASP E 178 55.33 -24.24 11.36
N VAL E 179 54.47 -23.38 10.84
CA VAL E 179 54.26 -23.25 9.42
C VAL E 179 54.93 -22.01 8.83
N ARG E 180 55.20 -21.02 9.69
CA ARG E 180 55.77 -19.77 9.19
C ARG E 180 57.19 -19.92 8.62
N PRO E 181 58.11 -20.59 9.34
CA PRO E 181 59.44 -20.68 8.75
C PRO E 181 59.45 -21.40 7.42
N ILE E 182 58.50 -22.30 7.20
CA ILE E 182 58.45 -23.01 5.92
C ILE E 182 58.09 -22.05 4.79
N LEU E 183 57.22 -21.06 5.07
CA LEU E 183 56.88 -20.07 4.06
C LEU E 183 57.98 -19.03 3.82
N ASN E 184 58.83 -18.84 4.83
CA ASN E 184 59.93 -17.91 4.73
C ASN E 184 61.11 -18.52 3.96
N SER E 185 61.01 -19.81 3.66
CA SER E 185 62.05 -20.53 2.94
C SER E 185 61.91 -20.46 1.41
N PHE E 186 60.96 -19.66 0.94
CA PHE E 186 60.78 -19.45 -0.50
C PHE E 186 61.55 -18.24 -0.98
N GLU E 187 61.99 -18.27 -2.22
CA GLU E 187 62.66 -17.11 -2.79
C GLU E 187 61.59 -16.07 -3.10
N ASP E 188 60.44 -16.56 -3.55
CA ASP E 188 59.30 -15.70 -3.84
C ASP E 188 57.97 -16.45 -3.64
N LYS E 189 57.16 -16.03 -2.66
CA LYS E 189 55.91 -16.75 -2.41
C LYS E 189 54.90 -16.55 -3.54
N LYS E 190 55.10 -15.57 -4.42
CA LYS E 190 54.23 -15.45 -5.60
C LYS E 190 54.46 -16.58 -6.60
N ASN E 191 55.53 -17.33 -6.42
CA ASN E 191 55.77 -18.47 -7.29
C ASN E 191 55.83 -19.75 -6.48
N LEU E 192 55.03 -19.80 -5.42
CA LEU E 192 55.09 -20.89 -4.46
C LEU E 192 54.86 -22.25 -5.08
N ALA E 193 53.84 -22.36 -5.91
CA ALA E 193 53.47 -23.66 -6.47
C ALA E 193 54.62 -24.31 -7.20
N GLU E 194 55.29 -23.53 -8.05
CA GLU E 194 56.34 -24.07 -8.91
C GLU E 194 57.68 -24.19 -8.17
N GLU E 195 57.98 -23.29 -7.24
CA GLU E 195 59.16 -23.45 -6.40
C GLU E 195 59.06 -24.74 -5.57
N PHE E 196 57.87 -25.29 -5.46
CA PHE E 196 57.65 -26.50 -4.66
C PHE E 196 58.17 -27.75 -5.41
N ASP E 197 58.72 -27.52 -6.61
CA ASP E 197 59.45 -28.55 -7.37
C ASP E 197 60.93 -28.17 -7.51
N SER F 7 -28.81 3.16 -37.74
CA SER F 7 -29.88 3.92 -37.15
C SER F 7 -29.39 4.86 -36.04
N MET F 8 -28.19 5.43 -36.24
CA MET F 8 -27.67 6.51 -35.40
C MET F 8 -27.26 6.17 -33.96
N PHE F 9 -26.15 6.79 -33.55
CA PHE F 9 -25.36 6.41 -32.38
C PHE F 9 -24.88 4.99 -32.65
N THR F 10 -23.64 4.88 -33.09
CA THR F 10 -23.14 3.60 -33.55
C THR F 10 -21.89 3.21 -32.78
N TYR F 11 -20.78 3.87 -33.10
CA TYR F 11 -19.45 3.73 -32.46
C TYR F 11 -19.06 2.31 -32.07
N PHE F 12 -20.02 1.56 -31.52
CA PHE F 12 -19.81 0.17 -31.18
C PHE F 12 -20.22 -0.46 -32.49
N GLN F 13 -19.57 -1.56 -32.87
CA GLN F 13 -19.87 -2.24 -34.11
C GLN F 13 -18.97 -1.77 -35.24
N GLU F 14 -18.50 -0.53 -35.13
CA GLU F 14 -17.63 0.05 -36.14
C GLU F 14 -16.15 -0.22 -35.83
N PRO F 15 -15.37 -0.60 -36.93
CA PRO F 15 -13.95 -0.84 -36.56
C PRO F 15 -13.33 0.36 -35.83
N PRO F 16 -12.62 0.19 -34.62
CA PRO F 16 -12.51 -1.20 -34.13
C PRO F 16 -13.49 -1.47 -33.00
N PHE F 17 -14.21 -2.58 -33.11
CA PHE F 17 -15.19 -2.96 -32.09
C PHE F 17 -14.57 -2.91 -30.70
N PRO F 18 -15.03 -1.97 -29.88
CA PRO F 18 -14.52 -1.82 -28.51
C PRO F 18 -15.51 -2.44 -27.53
N ASP F 19 -15.06 -2.79 -26.34
CA ASP F 19 -15.94 -3.43 -25.36
C ASP F 19 -16.98 -2.46 -24.79
N LEU F 20 -18.14 -3.01 -24.48
CA LEU F 20 -19.32 -2.26 -24.11
C LEU F 20 -19.19 -1.57 -22.73
N LEU F 21 -18.31 -2.06 -21.86
CA LEU F 21 -18.17 -1.47 -20.53
C LEU F 21 -16.76 -0.99 -20.31
N PRO F 22 -16.64 0.12 -19.59
CA PRO F 22 -15.34 0.58 -19.08
C PRO F 22 -14.77 -0.40 -18.05
N PRO F 23 -13.47 -0.28 -17.74
CA PRO F 23 -12.94 -1.13 -16.67
C PRO F 23 -13.68 -0.83 -15.36
N PRO F 24 -13.84 -1.84 -14.48
CA PRO F 24 -14.45 -1.63 -13.16
C PRO F 24 -13.70 -0.61 -12.29
N PRO F 25 -14.38 -0.05 -11.29
CA PRO F 25 -13.62 0.87 -10.44
C PRO F 25 -12.51 0.18 -9.63
N PRO F 26 -11.53 0.94 -9.14
CA PRO F 26 -10.48 0.38 -8.31
C PRO F 26 -11.02 -0.11 -6.96
N PRO F 27 -10.28 -1.03 -6.28
CA PRO F 27 -10.65 -1.57 -4.96
C PRO F 27 -10.69 -0.49 -3.89
N PRO F 28 -11.54 -0.67 -2.84
CA PRO F 28 -12.49 -1.73 -2.48
C PRO F 28 -13.88 -1.53 -3.12
N TYR F 29 -13.95 -0.77 -4.20
CA TYR F 29 -15.21 -0.29 -4.75
C TYR F 29 -15.91 -1.19 -5.80
N GLN F 30 -15.28 -2.28 -6.22
CA GLN F 30 -15.91 -3.19 -7.18
C GLN F 30 -16.91 -4.14 -6.53
N ARG F 31 -18.07 -4.30 -7.14
CA ARG F 31 -19.05 -5.25 -6.64
C ARG F 31 -18.59 -6.63 -7.06
N PRO F 32 -18.99 -7.66 -6.29
CA PRO F 32 -18.54 -9.03 -6.56
C PRO F 32 -19.04 -9.57 -7.88
N LEU F 33 -20.22 -9.14 -8.29
CA LEU F 33 -20.86 -9.68 -9.48
C LEU F 33 -21.47 -8.59 -10.33
N THR F 34 -21.71 -8.94 -11.59
CA THR F 34 -22.35 -8.08 -12.56
C THR F 34 -23.70 -8.68 -12.92
N LEU F 35 -24.77 -7.89 -12.80
CA LEU F 35 -26.10 -8.39 -13.12
C LEU F 35 -26.63 -7.68 -14.36
N VAL F 36 -26.84 -8.45 -15.44
CA VAL F 36 -27.33 -7.87 -16.68
C VAL F 36 -28.78 -8.18 -16.82
N ILE F 37 -29.61 -7.15 -16.89
CA ILE F 37 -31.04 -7.40 -17.02
C ILE F 37 -31.60 -6.68 -18.22
N THR F 38 -32.67 -7.25 -18.76
CA THR F 38 -33.37 -6.62 -19.87
C THR F 38 -34.39 -5.68 -19.25
N LEU F 39 -34.99 -4.84 -20.08
CA LEU F 39 -35.92 -3.83 -19.59
C LEU F 39 -37.35 -4.22 -19.88
N GLU F 40 -37.70 -4.24 -21.17
CA GLU F 40 -39.07 -4.48 -21.56
C GLU F 40 -39.53 -5.89 -21.24
N ASP F 41 -40.77 -5.98 -20.74
CA ASP F 41 -41.41 -7.23 -20.33
C ASP F 41 -40.72 -7.91 -19.14
N PHE F 42 -39.94 -7.12 -18.41
CA PHE F 42 -39.29 -7.58 -17.19
C PHE F 42 -39.46 -6.57 -16.07
N LEU F 43 -39.11 -5.32 -16.35
CA LEU F 43 -39.28 -4.25 -15.37
C LEU F 43 -40.51 -3.39 -15.70
N VAL F 44 -40.75 -3.21 -17.00
CA VAL F 44 -41.85 -2.40 -17.48
C VAL F 44 -42.63 -3.07 -18.62
N HIS F 45 -43.81 -2.55 -18.94
CA HIS F 45 -44.64 -3.07 -20.03
C HIS F 45 -45.20 -1.85 -20.78
N SER F 46 -44.95 -1.72 -22.09
CA SER F 46 -45.28 -0.48 -22.85
C SER F 46 -46.16 -0.61 -24.08
N GLU F 47 -46.75 0.48 -24.56
CA GLU F 47 -47.48 0.31 -25.83
C GLU F 47 -47.98 1.58 -26.54
N TRP F 48 -49.18 1.49 -27.14
CA TRP F 48 -49.94 2.58 -27.77
C TRP F 48 -51.39 2.11 -27.85
N SER F 49 -52.22 2.50 -26.87
CA SER F 49 -53.61 2.05 -26.87
C SER F 49 -54.62 3.19 -27.03
N GLN F 50 -55.64 2.95 -27.85
CA GLN F 50 -56.63 3.96 -28.17
C GLN F 50 -57.25 4.59 -26.93
N LYS F 51 -57.97 3.79 -26.16
CA LYS F 51 -58.71 4.30 -25.01
C LYS F 51 -57.91 5.28 -24.17
N HIS F 52 -56.60 5.30 -24.38
CA HIS F 52 -55.74 6.24 -23.71
C HIS F 52 -54.59 6.57 -24.64
N GLY F 53 -53.63 5.65 -24.70
CA GLY F 53 -52.49 5.86 -25.56
C GLY F 53 -51.27 5.00 -25.34
N TRP F 54 -50.20 5.69 -24.99
CA TRP F 54 -48.82 5.19 -25.02
C TRP F 54 -48.40 4.92 -23.60
N ARG F 55 -49.07 3.94 -23.01
CA ARG F 55 -48.91 3.60 -21.59
C ARG F 55 -47.68 2.72 -21.28
N THR F 56 -47.10 2.92 -20.10
CA THR F 56 -46.03 2.07 -19.58
C THR F 56 -46.39 1.67 -18.15
N ALA F 57 -46.13 0.43 -17.75
CA ALA F 57 -46.43 0.08 -16.38
C ALA F 57 -45.16 -0.41 -15.70
N LYS F 58 -44.95 -0.02 -14.45
CA LYS F 58 -43.79 -0.53 -13.73
C LYS F 58 -44.23 -1.78 -12.98
N ARG F 59 -43.44 -2.84 -13.10
CA ARG F 59 -43.74 -4.06 -12.37
C ARG F 59 -43.62 -3.82 -10.87
N PRO F 60 -44.50 -4.45 -10.09
CA PRO F 60 -44.29 -4.37 -8.64
C PRO F 60 -42.94 -4.97 -8.23
N GLY F 61 -42.16 -4.20 -7.46
CA GLY F 61 -40.85 -4.64 -7.01
C GLY F 61 -39.69 -4.22 -7.91
N ALA F 62 -40.00 -3.53 -9.00
CA ALA F 62 -38.95 -3.06 -9.89
C ALA F 62 -37.96 -2.18 -9.14
N ASP F 63 -38.51 -1.23 -8.38
CA ASP F 63 -37.71 -0.29 -7.60
C ASP F 63 -36.87 -1.03 -6.54
N TYR F 64 -37.52 -1.87 -5.74
CA TYR F 64 -36.85 -2.65 -4.69
C TYR F 64 -35.85 -3.69 -5.21
N PHE F 65 -36.21 -4.40 -6.29
CA PHE F 65 -35.29 -5.35 -6.92
C PHE F 65 -33.96 -4.67 -7.22
N LEU F 66 -34.03 -3.59 -8.00
CA LEU F 66 -32.83 -2.85 -8.38
C LEU F 66 -32.12 -2.24 -7.17
N GLY F 67 -32.87 -1.56 -6.29
CA GLY F 67 -32.30 -0.89 -5.15
C GLY F 67 -31.57 -1.81 -4.17
N TYR F 68 -32.23 -2.89 -3.81
CA TYR F 68 -31.68 -3.81 -2.82
C TYR F 68 -30.45 -4.52 -3.38
N LEU F 69 -30.55 -5.02 -4.60
CA LEU F 69 -29.47 -5.80 -5.21
C LEU F 69 -28.30 -4.93 -5.67
N SER F 70 -28.50 -3.63 -5.76
CA SER F 70 -27.44 -2.74 -6.21
C SER F 70 -26.29 -2.67 -5.21
N GLN F 71 -26.55 -3.16 -4.00
CA GLN F 71 -25.51 -3.20 -3.00
C GLN F 71 -24.68 -4.49 -3.08
N TYR F 72 -25.12 -5.44 -3.90
CA TYR F 72 -24.35 -6.67 -4.11
C TYR F 72 -23.90 -6.80 -5.56
N TYR F 73 -24.59 -6.12 -6.47
CA TYR F 73 -24.30 -6.26 -7.90
C TYR F 73 -24.03 -4.93 -8.60
N GLU F 74 -23.12 -4.94 -9.55
CA GLU F 74 -23.03 -3.90 -10.56
C GLU F 74 -24.15 -4.18 -11.54
N ILE F 75 -25.18 -3.35 -11.54
CA ILE F 75 -26.37 -3.61 -12.34
C ILE F 75 -26.31 -2.96 -13.72
N VAL F 76 -26.38 -3.80 -14.75
CA VAL F 76 -26.40 -3.33 -16.13
C VAL F 76 -27.77 -3.56 -16.76
N LEU F 77 -28.42 -2.46 -17.13
CA LEU F 77 -29.74 -2.51 -17.74
C LEU F 77 -29.56 -2.60 -19.25
N PHE F 78 -29.78 -3.79 -19.79
CA PHE F 78 -29.52 -4.04 -21.21
C PHE F 78 -30.85 -4.17 -21.96
N SER F 79 -31.32 -3.06 -22.51
CA SER F 79 -32.61 -3.03 -23.23
C SER F 79 -32.50 -3.80 -24.54
N SER F 80 -33.56 -4.51 -24.91
CA SER F 80 -33.56 -5.27 -26.15
C SER F 80 -33.92 -4.47 -27.38
N ASN F 81 -34.48 -3.28 -27.18
CA ASN F 81 -34.82 -2.41 -28.30
C ASN F 81 -33.98 -1.12 -28.28
N TYR F 82 -34.09 -0.35 -29.36
CA TYR F 82 -33.31 0.87 -29.56
C TYR F 82 -33.40 1.92 -28.44
N MET F 83 -32.40 2.80 -28.44
CA MET F 83 -32.18 3.79 -27.39
C MET F 83 -33.34 4.79 -27.23
N MET F 84 -33.92 5.22 -28.34
CA MET F 84 -35.00 6.21 -28.36
C MET F 84 -36.17 5.83 -27.48
N TYR F 85 -36.44 4.54 -27.35
CA TYR F 85 -37.52 4.07 -26.50
C TYR F 85 -37.34 4.41 -25.03
N SER F 86 -36.13 4.29 -24.52
CA SER F 86 -35.88 4.69 -23.14
C SER F 86 -36.21 6.18 -23.00
N ASP F 87 -35.86 6.95 -24.03
CA ASP F 87 -36.08 8.39 -24.07
C ASP F 87 -37.57 8.74 -23.97
N LYS F 88 -38.42 7.93 -24.59
CA LYS F 88 -39.86 8.18 -24.63
C LYS F 88 -40.50 7.98 -23.26
N ILE F 89 -40.12 6.90 -22.62
CA ILE F 89 -40.66 6.57 -21.31
C ILE F 89 -39.82 7.09 -20.13
N ALA F 90 -38.76 7.84 -20.46
CA ALA F 90 -37.79 8.38 -19.48
C ALA F 90 -38.32 8.63 -18.07
N GLU F 91 -39.44 9.34 -17.94
CA GLU F 91 -39.93 9.68 -16.60
C GLU F 91 -40.29 8.47 -15.71
N LYS F 92 -40.94 7.43 -16.23
CA LYS F 92 -41.28 6.33 -15.32
C LYS F 92 -40.04 5.48 -15.04
N LEU F 93 -38.97 5.73 -15.81
CA LEU F 93 -37.70 5.05 -15.63
C LEU F 93 -36.77 5.74 -14.62
N ASP F 94 -37.19 6.88 -14.08
CA ASP F 94 -36.34 7.67 -13.18
C ASP F 94 -35.93 6.91 -11.92
N PRO F 95 -36.89 6.24 -11.24
CA PRO F 95 -36.49 5.53 -10.03
C PRO F 95 -35.63 4.29 -10.34
N ILE F 96 -35.62 3.89 -11.61
CA ILE F 96 -34.95 2.67 -12.02
C ILE F 96 -33.50 3.03 -12.35
N HIS F 97 -33.31 3.99 -13.23
CA HIS F 97 -31.98 4.31 -13.73
C HIS F 97 -31.05 4.71 -12.61
N ALA F 98 -31.62 5.16 -11.49
CA ALA F 98 -30.89 5.58 -10.30
C ALA F 98 -30.05 4.47 -9.66
N PHE F 99 -30.44 3.22 -9.90
CA PHE F 99 -29.71 2.10 -9.34
C PHE F 99 -28.85 1.39 -10.39
N VAL F 100 -28.99 1.81 -11.63
CA VAL F 100 -28.25 1.26 -12.75
C VAL F 100 -26.88 1.87 -12.91
N SER F 101 -25.88 1.02 -13.12
CA SER F 101 -24.51 1.51 -13.27
C SER F 101 -24.29 1.86 -14.74
N TYR F 102 -24.85 1.03 -15.61
CA TYR F 102 -24.71 1.22 -17.04
C TYR F 102 -25.94 0.85 -17.83
N ASN F 103 -26.24 1.67 -18.82
CA ASN F 103 -27.35 1.45 -19.70
C ASN F 103 -26.84 1.03 -21.07
N LEU F 104 -27.43 -0.05 -21.59
CA LEU F 104 -27.10 -0.53 -22.93
C LEU F 104 -28.35 -0.73 -23.74
N PHE F 105 -28.20 -0.64 -25.05
CA PHE F 105 -29.36 -0.72 -25.93
C PHE F 105 -29.11 -1.60 -27.14
N LYS F 106 -30.10 -1.66 -28.04
CA LYS F 106 -30.00 -2.51 -29.22
C LYS F 106 -28.84 -1.98 -30.06
N GLU F 107 -28.57 -0.69 -29.94
CA GLU F 107 -27.37 -0.11 -30.54
C GLU F 107 -26.09 -0.82 -30.09
N HIS F 108 -26.16 -1.58 -29.00
CA HIS F 108 -24.98 -2.28 -28.48
C HIS F 108 -24.95 -3.79 -28.76
N CYS F 109 -26.01 -4.33 -29.35
CA CYS F 109 -26.05 -5.77 -29.68
C CYS F 109 -25.19 -6.18 -30.87
N VAL F 110 -24.94 -7.49 -30.98
CA VAL F 110 -24.34 -8.02 -32.20
C VAL F 110 -25.45 -8.62 -33.05
N TYR F 111 -25.34 -8.39 -34.36
CA TYR F 111 -26.32 -8.95 -35.28
C TYR F 111 -25.68 -10.13 -35.99
N LYS F 112 -26.21 -11.31 -35.72
CA LYS F 112 -25.78 -12.53 -36.39
C LYS F 112 -26.97 -13.46 -36.64
N ASP F 113 -27.12 -13.89 -37.90
CA ASP F 113 -28.14 -14.85 -38.32
C ASP F 113 -29.59 -14.42 -38.07
N GLY F 114 -29.88 -13.14 -38.28
CA GLY F 114 -31.24 -12.66 -38.14
C GLY F 114 -31.71 -12.52 -36.71
N VAL F 115 -30.76 -12.55 -35.78
CA VAL F 115 -31.05 -12.44 -34.37
C VAL F 115 -30.21 -11.29 -33.79
N HIS F 116 -30.79 -10.49 -32.91
CA HIS F 116 -30.03 -9.48 -32.15
C HIS F 116 -29.62 -10.06 -30.78
N ILE F 117 -28.32 -10.24 -30.57
CA ILE F 117 -27.81 -10.92 -29.39
C ILE F 117 -27.07 -9.98 -28.41
N LYS F 118 -27.35 -10.14 -27.12
CA LYS F 118 -26.58 -9.48 -26.06
C LYS F 118 -25.33 -10.29 -25.78
N ASP F 119 -24.22 -9.95 -26.40
CA ASP F 119 -23.05 -10.80 -26.30
C ASP F 119 -22.30 -10.49 -25.02
N LEU F 120 -22.56 -11.29 -23.99
CA LEU F 120 -21.94 -11.08 -22.68
C LEU F 120 -20.42 -11.10 -22.74
N SER F 121 -19.86 -11.67 -23.80
CA SER F 121 -18.41 -11.71 -23.92
C SER F 121 -17.83 -10.37 -24.33
N LYS F 122 -18.65 -9.45 -24.81
CA LYS F 122 -18.09 -8.13 -25.18
C LYS F 122 -18.24 -7.11 -24.03
N LEU F 123 -18.64 -7.60 -22.85
CA LEU F 123 -18.97 -6.77 -21.70
C LEU F 123 -17.76 -6.35 -20.85
N ASN F 124 -16.59 -6.90 -21.15
CA ASN F 124 -15.35 -6.65 -20.41
C ASN F 124 -15.48 -7.00 -18.92
N ARG F 125 -16.10 -8.14 -18.67
CA ARG F 125 -16.31 -8.64 -17.34
C ARG F 125 -15.97 -10.13 -17.33
N ASP F 126 -15.36 -10.63 -16.25
CA ASP F 126 -15.09 -12.06 -16.14
C ASP F 126 -16.41 -12.85 -16.14
N LEU F 127 -16.59 -13.69 -17.16
CA LEU F 127 -17.86 -14.38 -17.40
C LEU F 127 -18.30 -15.37 -16.32
N SER F 128 -17.41 -15.64 -15.36
CA SER F 128 -17.78 -16.44 -14.20
C SER F 128 -18.50 -15.56 -13.15
N LYS F 129 -18.51 -14.26 -13.41
CA LYS F 129 -18.96 -13.28 -12.43
C LYS F 129 -20.13 -12.47 -12.98
N VAL F 130 -20.83 -13.05 -13.95
CA VAL F 130 -21.88 -12.35 -14.66
C VAL F 130 -23.18 -13.16 -14.69
N ILE F 131 -24.29 -12.52 -14.37
CA ILE F 131 -25.58 -13.15 -14.50
C ILE F 131 -26.46 -12.33 -15.44
N ILE F 132 -27.14 -13.00 -16.36
CA ILE F 132 -28.11 -12.30 -17.19
C ILE F 132 -29.50 -12.88 -17.00
N ILE F 133 -30.47 -11.99 -16.83
CA ILE F 133 -31.88 -12.37 -16.76
C ILE F 133 -32.61 -11.73 -17.92
N ASP F 134 -33.30 -12.54 -18.71
CA ASP F 134 -34.00 -12.04 -19.90
C ASP F 134 -35.22 -12.87 -20.22
N THR F 135 -36.09 -12.33 -21.06
CA THR F 135 -37.36 -12.95 -21.39
C THR F 135 -37.38 -13.58 -22.78
N ASP F 136 -36.39 -13.24 -23.59
CA ASP F 136 -36.26 -13.85 -24.90
C ASP F 136 -34.96 -14.63 -24.91
N PRO F 137 -35.05 -15.96 -25.05
CA PRO F 137 -33.86 -16.83 -24.98
C PRO F 137 -32.85 -16.48 -26.06
N ASN F 138 -33.30 -15.83 -27.12
CA ASN F 138 -32.40 -15.39 -28.19
C ASN F 138 -31.43 -14.32 -27.77
N SER F 139 -31.84 -13.52 -26.79
CA SER F 139 -31.01 -12.41 -26.33
C SER F 139 -29.72 -12.87 -25.66
N TYR F 140 -29.74 -14.05 -25.01
CA TYR F 140 -28.53 -14.63 -24.43
C TYR F 140 -28.12 -16.00 -25.00
N LYS F 141 -28.54 -16.36 -26.22
CA LYS F 141 -28.16 -17.67 -26.82
C LYS F 141 -26.67 -18.00 -26.88
N LEU F 142 -25.79 -17.01 -26.90
CA LEU F 142 -24.36 -17.33 -26.97
C LEU F 142 -23.85 -17.69 -25.58
N GLN F 143 -24.58 -17.31 -24.54
CA GLN F 143 -24.16 -17.66 -23.18
C GLN F 143 -25.31 -18.09 -22.28
N PRO F 144 -26.02 -19.18 -22.64
CA PRO F 144 -27.16 -19.64 -21.81
C PRO F 144 -26.70 -20.14 -20.44
N GLU F 145 -25.41 -20.42 -20.32
CA GLU F 145 -24.86 -20.92 -19.07
C GLU F 145 -24.75 -19.81 -18.02
N ASN F 146 -24.91 -18.56 -18.45
CA ASN F 146 -24.89 -17.40 -17.55
C ASN F 146 -26.27 -16.86 -17.23
N ALA F 147 -27.31 -17.52 -17.73
CA ALA F 147 -28.64 -16.93 -17.80
C ALA F 147 -29.66 -17.52 -16.83
N ILE F 148 -30.51 -16.65 -16.32
CA ILE F 148 -31.69 -17.06 -15.56
C ILE F 148 -32.91 -16.66 -16.40
N PRO F 149 -33.68 -17.65 -16.86
CA PRO F 149 -34.83 -17.24 -17.66
C PRO F 149 -36.04 -16.85 -16.83
N MET F 150 -36.78 -15.88 -17.36
CA MET F 150 -38.04 -15.44 -16.81
C MET F 150 -38.97 -15.30 -17.99
N GLU F 151 -40.21 -15.76 -17.87
CA GLU F 151 -41.12 -15.57 -18.98
C GLU F 151 -41.77 -14.20 -18.88
N PRO F 152 -42.00 -13.57 -20.04
CA PRO F 152 -42.45 -12.17 -20.17
C PRO F 152 -43.60 -11.76 -19.27
N TRP F 153 -43.45 -10.57 -18.70
CA TRP F 153 -44.42 -10.06 -17.75
C TRP F 153 -45.68 -9.67 -18.52
N ASN F 154 -46.80 -10.18 -18.04
CA ASN F 154 -48.06 -10.06 -18.75
C ASN F 154 -48.81 -8.81 -18.32
N GLY F 155 -48.27 -8.10 -17.33
CA GLY F 155 -48.87 -6.84 -16.93
C GLY F 155 -49.60 -6.98 -15.61
N GLU F 156 -49.84 -8.22 -15.20
CA GLU F 156 -50.54 -8.50 -13.95
C GLU F 156 -49.63 -8.37 -12.75
N ALA F 157 -50.20 -7.94 -11.63
CA ALA F 157 -49.43 -7.73 -10.41
C ALA F 157 -48.90 -9.08 -9.87
N ASP F 158 -47.59 -9.16 -9.64
CA ASP F 158 -47.01 -10.35 -9.02
C ASP F 158 -45.79 -10.00 -8.19
N ASP F 159 -45.11 -11.01 -7.65
CA ASP F 159 -43.88 -10.77 -6.91
C ASP F 159 -42.72 -11.61 -7.41
N LYS F 160 -42.81 -12.14 -8.63
CA LYS F 160 -41.77 -12.99 -9.19
C LYS F 160 -40.41 -12.32 -9.12
N LEU F 161 -40.45 -11.00 -9.22
CA LEU F 161 -39.27 -10.16 -9.24
C LEU F 161 -38.55 -10.23 -7.88
N VAL F 162 -39.32 -10.06 -6.82
CA VAL F 162 -38.76 -10.07 -5.46
C VAL F 162 -38.24 -11.47 -5.10
N ARG F 163 -38.83 -12.49 -5.72
CA ARG F 163 -38.54 -13.89 -5.39
C ARG F 163 -37.15 -14.35 -5.88
N LEU F 164 -36.55 -13.55 -6.75
CA LEU F 164 -35.21 -13.82 -7.25
C LEU F 164 -34.11 -13.38 -6.28
N ILE F 165 -34.48 -12.48 -5.37
CA ILE F 165 -33.51 -11.83 -4.47
C ILE F 165 -32.75 -12.79 -3.54
N PRO F 166 -33.47 -13.73 -2.87
CA PRO F 166 -32.73 -14.63 -1.96
C PRO F 166 -31.63 -15.40 -2.66
N PHE F 167 -31.89 -15.89 -3.87
CA PHE F 167 -30.86 -16.58 -4.62
C PHE F 167 -29.73 -15.65 -5.07
N LEU F 168 -30.09 -14.51 -5.69
CA LEU F 168 -29.08 -13.56 -6.16
C LEU F 168 -28.26 -13.02 -5.01
N GLU F 169 -28.89 -12.81 -3.86
CA GLU F 169 -28.15 -12.38 -2.68
C GLU F 169 -27.16 -13.45 -2.23
N TYR F 170 -27.60 -14.70 -2.24
CA TYR F 170 -26.73 -15.81 -1.86
C TYR F 170 -25.46 -15.87 -2.74
N LEU F 171 -25.66 -15.78 -4.05
CA LEU F 171 -24.55 -15.84 -5.00
C LEU F 171 -23.49 -14.80 -4.66
N ALA F 172 -23.96 -13.62 -4.30
CA ALA F 172 -23.08 -12.51 -4.07
C ALA F 172 -22.43 -12.55 -2.70
N THR F 173 -23.16 -13.03 -1.69
CA THR F 173 -22.59 -13.01 -0.35
C THR F 173 -21.86 -14.28 0.08
N GLN F 174 -21.76 -15.29 -0.78
CA GLN F 174 -20.97 -16.43 -0.37
C GLN F 174 -19.80 -16.66 -1.30
N GLN F 175 -19.19 -15.54 -1.70
CA GLN F 175 -17.91 -15.47 -2.44
C GLN F 175 -17.62 -16.62 -3.41
N THR F 176 -18.68 -17.10 -4.05
CA THR F 176 -18.58 -18.26 -4.94
C THR F 176 -17.70 -17.84 -6.11
N LYS F 177 -16.79 -18.70 -6.55
CA LYS F 177 -15.79 -18.31 -7.56
C LYS F 177 -16.19 -18.54 -9.02
N ASP F 178 -17.36 -19.14 -9.26
CA ASP F 178 -17.88 -19.32 -10.61
C ASP F 178 -19.35 -19.66 -10.51
N VAL F 179 -20.12 -18.94 -11.32
CA VAL F 179 -21.55 -18.89 -11.18
C VAL F 179 -22.20 -19.78 -12.23
N ARG F 180 -21.45 -20.06 -13.28
CA ARG F 180 -21.92 -20.91 -14.36
C ARG F 180 -22.20 -22.35 -13.83
N PRO F 181 -21.27 -22.94 -13.03
CA PRO F 181 -21.56 -24.27 -12.47
C PRO F 181 -22.77 -24.32 -11.54
N ILE F 182 -23.02 -23.24 -10.82
CA ILE F 182 -24.14 -23.18 -9.89
C ILE F 182 -25.48 -23.11 -10.63
N LEU F 183 -25.48 -22.49 -11.81
CA LEU F 183 -26.68 -22.44 -12.63
C LEU F 183 -27.01 -23.77 -13.32
N ASN F 184 -26.00 -24.63 -13.53
CA ASN F 184 -26.25 -25.93 -14.14
C ASN F 184 -26.79 -26.93 -13.12
N SER F 185 -26.73 -26.59 -11.84
CA SER F 185 -27.15 -27.51 -10.79
C SER F 185 -28.64 -27.42 -10.51
N PHE F 186 -29.33 -26.60 -11.30
CA PHE F 186 -30.77 -26.55 -11.18
C PHE F 186 -31.32 -27.52 -12.19
N GLU F 187 -32.42 -28.18 -11.82
CA GLU F 187 -33.07 -29.05 -12.76
C GLU F 187 -33.86 -28.24 -13.76
N ASP F 188 -34.44 -27.12 -13.32
CA ASP F 188 -35.11 -26.24 -14.24
C ASP F 188 -35.10 -24.78 -13.75
N LYS F 189 -34.39 -23.92 -14.48
CA LYS F 189 -34.24 -22.52 -14.11
C LYS F 189 -35.53 -21.69 -14.29
N LYS F 190 -36.48 -22.21 -15.08
CA LYS F 190 -37.77 -21.52 -15.19
C LYS F 190 -38.49 -21.60 -13.85
N ASN F 191 -37.98 -22.47 -13.00
CA ASN F 191 -38.48 -22.64 -11.66
C ASN F 191 -37.34 -22.42 -10.65
N LEU F 192 -36.46 -21.49 -10.97
CA LEU F 192 -35.25 -21.27 -10.17
C LEU F 192 -35.56 -20.86 -8.73
N ALA F 193 -36.50 -19.92 -8.57
CA ALA F 193 -36.80 -19.36 -7.26
C ALA F 193 -37.16 -20.42 -6.22
N GLU F 194 -38.02 -21.37 -6.59
CA GLU F 194 -38.51 -22.35 -5.61
C GLU F 194 -37.56 -23.53 -5.37
N GLU F 195 -36.77 -23.88 -6.38
CA GLU F 195 -35.73 -24.89 -6.19
C GLU F 195 -34.73 -24.50 -5.13
N PHE F 196 -34.69 -23.21 -4.80
CA PHE F 196 -33.68 -22.72 -3.88
C PHE F 196 -33.98 -23.12 -2.43
N ASP F 197 -35.10 -23.81 -2.20
CA ASP F 197 -35.37 -24.41 -0.88
C ASP F 197 -35.42 -25.95 -1.00
MG MG G . -26.22 6.72 -21.14
MG MG H . 20.13 -7.18 -11.98
MG MG I . 10.37 -0.86 8.52
MG MG J . -39.66 10.65 17.58
MG MG K . 35.44 -27.92 -9.65
MG MG L . -41.63 -1.36 -5.44
#